data_6P8D
#
_entry.id   6P8D
#
_cell.length_a   42.311
_cell.length_b   119.777
_cell.length_c   185.503
_cell.angle_alpha   90.00
_cell.angle_beta   90.00
_cell.angle_gamma   90.00
#
_symmetry.space_group_name_H-M   'P 21 21 21'
#
loop_
_entity.id
_entity.type
_entity.pdbx_description
1 polymer 'Antibody VFP6.01 heavy chain'
2 polymer 'Antibody VFP6.01 light chain'
3 polymer 'HIV fusion peptide residue 512-519'
4 water water
#
loop_
_entity_poly.entity_id
_entity_poly.type
_entity_poly.pdbx_seq_one_letter_code
_entity_poly.pdbx_strand_id
1 'polypeptide(L)'
;QVQLQQSGAELAKPGASVILSCKASDYTFTRYWMNWVRQRPGQGLECIGYIDPGNGYTKYNQKFKDKATMTADKSSSTAY
LQLRSLTYEDSAVYYCASGYVAFHYWGQGTTLTVSSAKTTPPSVYPLAPGSAAQTNSMVTLGCLVKGYFPEPVTVTWNSG
SLSSGVHTFPAVLQSDLYTLSSSVTVPSSPRPSETVTCNVAHPASSTKVDKKIVPRDC
;
A,D
2 'polypeptide(L)'
;DIVIIQDELSNPVTSGESVSISCRSSQSLLYKDGKTYLNWFLQRPGQSPQLLIYLMSTRASGVSDRFSGSGSGTDFTLEI
SRVKAEDVGVYYCQQLVQHPFTFGSGTKLEIKRADAAPTVSIFPPSSEQLTSGGASVVCFLNNFYPKDINVKWKIDGSER
QNGVLNSWTDQDSKDSTYSMSSTLTLTKDEYERHNSYTCEATHKTSTSPIVKSFNRNEC
;
B,E
3 'polypeptide(L)' AVGIGAVF F,C
#
# COMPACT_ATOMS: atom_id res chain seq x y z
N GLN A 1 1.20 -29.37 1.39
CA GLN A 1 0.31 -29.69 2.51
C GLN A 1 -1.14 -29.44 2.09
N VAL A 2 -2.09 -30.15 2.71
CA VAL A 2 -3.50 -29.88 2.48
C VAL A 2 -3.78 -28.40 2.72
N GLN A 3 -4.39 -27.75 1.72
CA GLN A 3 -4.66 -26.32 1.78
C GLN A 3 -6.12 -26.01 1.47
N LEU A 4 -6.71 -25.13 2.28
CA LEU A 4 -8.03 -24.59 2.04
C LEU A 4 -7.89 -23.07 1.99
N GLN A 5 -8.19 -22.49 0.84
CA GLN A 5 -8.05 -21.05 0.61
C GLN A 5 -9.45 -20.43 0.54
N GLN A 6 -9.62 -19.31 1.24
CA GLN A 6 -10.93 -18.72 1.49
C GLN A 6 -11.11 -17.37 0.81
N SER A 7 -12.38 -17.08 0.49
CA SER A 7 -12.78 -15.81 -0.09
C SER A 7 -12.50 -14.66 0.87
N GLY A 8 -12.26 -13.49 0.29
CA GLY A 8 -12.03 -12.29 1.07
C GLY A 8 -13.29 -11.79 1.76
N ALA A 9 -13.07 -10.90 2.72
CA ALA A 9 -14.18 -10.35 3.50
C ALA A 9 -15.15 -9.63 2.57
N GLU A 10 -16.44 -9.70 2.91
CA GLU A 10 -17.49 -9.07 2.14
C GLU A 10 -18.44 -8.31 3.04
N LEU A 11 -19.00 -7.24 2.49
CA LEU A 11 -20.02 -6.41 3.13
C LEU A 11 -21.26 -6.53 2.27
N ALA A 12 -22.38 -6.90 2.89
CA ALA A 12 -23.62 -7.10 2.14
C ALA A 12 -24.78 -6.46 2.88
N LYS A 13 -25.88 -6.23 2.15
CA LYS A 13 -27.04 -5.55 2.70
C LYS A 13 -28.10 -6.53 3.16
N PRO A 14 -28.92 -6.12 4.13
CA PRO A 14 -30.01 -7.00 4.58
C PRO A 14 -30.89 -7.41 3.41
N GLY A 15 -31.23 -8.69 3.37
CA GLY A 15 -32.02 -9.27 2.31
C GLY A 15 -31.23 -9.83 1.14
N ALA A 16 -29.96 -9.47 1.00
CA ALA A 16 -29.22 -9.96 -0.15
C ALA A 16 -28.64 -11.34 0.14
N SER A 17 -28.06 -11.94 -0.90
CA SER A 17 -27.33 -13.18 -0.77
C SER A 17 -25.85 -12.94 -1.03
N VAL A 18 -25.03 -13.89 -0.60
CA VAL A 18 -23.60 -13.84 -0.78
C VAL A 18 -23.10 -15.27 -0.93
N ILE A 19 -22.01 -15.44 -1.68
CA ILE A 19 -21.41 -16.75 -1.93
C ILE A 19 -19.97 -16.69 -1.47
N LEU A 20 -19.65 -17.49 -0.44
CA LEU A 20 -18.28 -17.68 0.00
C LEU A 20 -17.71 -18.93 -0.66
N SER A 21 -16.39 -18.97 -0.81
CA SER A 21 -15.72 -20.04 -1.53
C SER A 21 -14.62 -20.65 -0.66
N CYS A 22 -14.42 -21.96 -0.84
CA CYS A 22 -13.36 -22.71 -0.19
C CYS A 22 -12.69 -23.59 -1.24
N LYS A 23 -11.41 -23.34 -1.52
CA LYS A 23 -10.67 -24.00 -2.60
C LYS A 23 -9.67 -24.98 -2.01
N ALA A 24 -9.68 -26.20 -2.54
CA ALA A 24 -8.87 -27.30 -2.03
C ALA A 24 -7.68 -27.57 -2.94
N SER A 25 -6.49 -27.68 -2.35
CA SER A 25 -5.28 -28.01 -3.09
C SER A 25 -4.42 -28.98 -2.28
N ASP A 26 -3.59 -29.73 -3.01
CA ASP A 26 -2.62 -30.68 -2.44
C ASP A 26 -3.27 -31.87 -1.74
N TYR A 27 -4.50 -32.19 -2.09
CA TYR A 27 -5.16 -33.41 -1.64
C TYR A 27 -6.33 -33.68 -2.57
N THR A 28 -6.76 -34.93 -2.61
CA THR A 28 -7.88 -35.31 -3.47
C THR A 28 -9.18 -34.75 -2.89
N PHE A 29 -9.74 -33.75 -3.58
CA PHE A 29 -10.92 -33.03 -3.08
C PHE A 29 -12.12 -33.94 -2.91
N THR A 30 -12.24 -34.98 -3.71
CA THR A 30 -13.41 -35.86 -3.68
C THR A 30 -13.39 -36.82 -2.49
N ARG A 31 -12.23 -37.01 -1.86
CA ARG A 31 -12.06 -38.06 -0.86
C ARG A 31 -12.67 -37.68 0.49
N TYR A 32 -12.56 -36.42 0.90
CA TYR A 32 -12.88 -36.04 2.27
C TYR A 32 -14.13 -35.18 2.35
N TRP A 33 -14.85 -35.31 3.48
CA TRP A 33 -15.98 -34.44 3.76
C TRP A 33 -15.52 -33.01 3.99
N MET A 34 -16.39 -32.06 3.65
CA MET A 34 -16.12 -30.64 3.85
C MET A 34 -17.16 -30.09 4.82
N ASN A 35 -16.68 -29.49 5.90
CA ASN A 35 -17.54 -28.91 6.92
C ASN A 35 -17.53 -27.39 6.82
N TRP A 36 -18.67 -26.78 7.16
CA TRP A 36 -18.81 -25.34 7.23
C TRP A 36 -19.28 -24.98 8.63
N VAL A 37 -18.56 -24.05 9.27
CA VAL A 37 -18.91 -23.60 10.61
C VAL A 37 -18.87 -22.09 10.68
N ARG A 38 -19.61 -21.54 11.64
CA ARG A 38 -19.74 -20.11 11.84
C ARG A 38 -19.29 -19.74 13.25
N GLN A 39 -18.58 -18.61 13.36
CA GLN A 39 -18.18 -18.05 14.65
C GLN A 39 -18.57 -16.57 14.68
N ARG A 40 -19.60 -16.23 15.44
CA ARG A 40 -20.01 -14.85 15.54
C ARG A 40 -19.12 -14.07 16.50
N PRO A 41 -19.01 -12.72 16.31
CA PRO A 41 -18.06 -11.94 17.10
C PRO A 41 -18.23 -12.11 18.60
N GLY A 42 -17.15 -12.51 19.28
CA GLY A 42 -17.16 -12.76 20.70
C GLY A 42 -17.78 -14.08 21.13
N GLN A 43 -18.50 -14.76 20.24
CA GLN A 43 -19.19 -16.00 20.56
C GLN A 43 -18.31 -17.21 20.24
N GLY A 44 -18.87 -18.39 20.48
CA GLY A 44 -18.22 -19.65 20.18
C GLY A 44 -18.49 -20.11 18.77
N LEU A 45 -18.29 -21.41 18.56
CA LEU A 45 -18.38 -22.02 17.24
C LEU A 45 -19.71 -22.76 17.06
N GLU A 46 -20.20 -22.78 15.83
CA GLU A 46 -21.49 -23.36 15.52
C GLU A 46 -21.43 -24.02 14.16
N CYS A 47 -21.88 -25.28 14.09
CA CYS A 47 -21.80 -26.04 12.84
C CYS A 47 -22.96 -25.67 11.93
N ILE A 48 -22.65 -25.34 10.68
CA ILE A 48 -23.67 -24.99 9.69
C ILE A 48 -24.16 -26.22 8.95
N GLY A 49 -23.24 -27.07 8.53
CA GLY A 49 -23.56 -28.25 7.78
C GLY A 49 -22.31 -28.79 7.14
N TYR A 50 -22.48 -29.87 6.38
CA TYR A 50 -21.35 -30.48 5.70
C TYR A 50 -21.83 -31.08 4.39
N ILE A 51 -20.89 -31.23 3.46
CA ILE A 51 -21.21 -31.67 2.11
C ILE A 51 -20.18 -32.71 1.68
N ASP A 52 -20.64 -33.66 0.88
CA ASP A 52 -19.74 -34.61 0.24
C ASP A 52 -19.35 -34.08 -1.14
N PRO A 53 -18.08 -33.77 -1.39
CA PRO A 53 -17.70 -33.15 -2.66
C PRO A 53 -17.82 -34.07 -3.88
N GLY A 54 -18.14 -35.34 -3.69
CA GLY A 54 -18.21 -36.27 -4.81
C GLY A 54 -19.59 -36.41 -5.45
N ASN A 55 -20.64 -36.15 -4.68
CA ASN A 55 -22.00 -36.29 -5.18
C ASN A 55 -22.88 -35.06 -4.95
N GLY A 56 -22.42 -34.08 -4.18
CA GLY A 56 -23.25 -32.95 -3.83
C GLY A 56 -24.25 -33.22 -2.72
N TYR A 57 -24.13 -34.37 -2.04
CA TYR A 57 -25.02 -34.67 -0.93
C TYR A 57 -24.67 -33.80 0.26
N THR A 58 -25.69 -33.26 0.90
CA THR A 58 -25.53 -32.28 1.97
C THR A 58 -26.33 -32.71 3.19
N LYS A 59 -25.83 -32.31 4.36
CA LYS A 59 -26.57 -32.38 5.61
C LYS A 59 -26.45 -31.02 6.29
N TYR A 60 -27.58 -30.47 6.72
CA TYR A 60 -27.60 -29.14 7.31
C TYR A 60 -28.04 -29.21 8.76
N ASN A 61 -27.47 -28.33 9.58
CA ASN A 61 -28.06 -27.96 10.85
C ASN A 61 -29.35 -27.16 10.57
N GLN A 62 -30.45 -27.57 11.20
CA GLN A 62 -31.75 -26.99 10.90
C GLN A 62 -31.83 -25.50 11.23
N LYS A 63 -30.98 -25.00 12.13
CA LYS A 63 -30.94 -23.57 12.39
C LYS A 63 -30.54 -22.77 11.15
N PHE A 64 -29.76 -23.38 10.26
CA PHE A 64 -29.29 -22.77 9.02
C PHE A 64 -29.90 -23.43 7.79
N LYS A 65 -31.09 -24.04 7.93
CA LYS A 65 -31.58 -24.97 6.92
C LYS A 65 -31.91 -24.27 5.60
N ASP A 66 -32.88 -23.35 5.62
CA ASP A 66 -33.29 -22.68 4.38
C ASP A 66 -32.38 -21.52 4.02
N LYS A 67 -31.59 -21.04 4.98
CA LYS A 67 -30.73 -19.88 4.77
C LYS A 67 -29.49 -20.22 3.97
N ALA A 68 -28.99 -21.45 4.08
CA ALA A 68 -27.70 -21.83 3.52
C ALA A 68 -27.87 -22.95 2.50
N THR A 69 -26.98 -22.94 1.51
CA THR A 69 -26.94 -23.96 0.47
C THR A 69 -25.48 -24.26 0.16
N MET A 70 -25.08 -25.52 0.34
CA MET A 70 -23.71 -25.94 0.08
C MET A 70 -23.66 -26.64 -1.27
N THR A 71 -22.67 -26.28 -2.09
CA THR A 71 -22.47 -26.89 -3.38
C THR A 71 -20.99 -27.17 -3.58
N ALA A 72 -20.70 -28.08 -4.50
CA ALA A 72 -19.33 -28.47 -4.80
C ALA A 72 -19.14 -28.59 -6.30
N ASP A 73 -18.08 -27.98 -6.81
CA ASP A 73 -17.69 -28.08 -8.22
C ASP A 73 -16.39 -28.86 -8.29
N LYS A 74 -16.45 -30.07 -8.84
CA LYS A 74 -15.29 -30.96 -8.82
C LYS A 74 -14.21 -30.51 -9.79
N SER A 75 -14.59 -29.82 -10.88
CA SER A 75 -13.60 -29.41 -11.88
C SER A 75 -12.63 -28.38 -11.31
N SER A 76 -13.12 -27.47 -10.49
CA SER A 76 -12.29 -26.45 -9.87
C SER A 76 -11.87 -26.80 -8.45
N SER A 77 -12.35 -27.92 -7.90
CA SER A 77 -12.06 -28.32 -6.52
C SER A 77 -12.38 -27.20 -5.54
N THR A 78 -13.59 -26.65 -5.66
CA THR A 78 -14.01 -25.51 -4.87
C THR A 78 -15.40 -25.76 -4.29
N ALA A 79 -15.54 -25.54 -2.99
CA ALA A 79 -16.82 -25.65 -2.30
C ALA A 79 -17.40 -24.25 -2.08
N TYR A 80 -18.73 -24.15 -2.13
CA TYR A 80 -19.41 -22.88 -2.08
C TYR A 80 -20.49 -22.88 -1.00
N LEU A 81 -20.62 -21.76 -0.30
CA LEU A 81 -21.63 -21.57 0.73
C LEU A 81 -22.43 -20.34 0.37
N GLN A 82 -23.70 -20.54 0.02
CA GLN A 82 -24.62 -19.45 -0.30
C GLN A 82 -25.44 -19.11 0.93
N LEU A 83 -25.41 -17.85 1.33
CA LEU A 83 -26.19 -17.36 2.45
C LEU A 83 -27.23 -16.39 1.91
N ARG A 84 -28.51 -16.75 2.05
CA ARG A 84 -29.62 -15.97 1.54
C ARG A 84 -30.24 -15.14 2.67
N SER A 85 -30.99 -14.12 2.25
CA SER A 85 -31.79 -13.29 3.16
C SER A 85 -30.99 -12.88 4.39
N LEU A 86 -29.88 -12.19 4.13
CA LEU A 86 -28.93 -11.86 5.19
C LEU A 86 -29.55 -10.92 6.22
N THR A 87 -29.14 -11.08 7.48
CA THR A 87 -29.57 -10.26 8.59
C THR A 87 -28.35 -9.77 9.36
N TYR A 88 -28.58 -8.83 10.28
CA TYR A 88 -27.47 -8.33 11.09
C TYR A 88 -26.86 -9.43 11.95
N GLU A 89 -27.65 -10.43 12.32
CA GLU A 89 -27.17 -11.53 13.14
C GLU A 89 -26.22 -12.46 12.41
N ASP A 90 -26.22 -12.41 11.08
CA ASP A 90 -25.36 -13.27 10.28
C ASP A 90 -23.96 -12.72 10.14
N SER A 91 -23.70 -11.54 10.69
CA SER A 91 -22.36 -10.98 10.68
C SER A 91 -21.45 -11.87 11.51
N ALA A 92 -20.51 -12.55 10.86
CA ALA A 92 -19.69 -13.53 11.55
C ALA A 92 -18.51 -13.92 10.67
N VAL A 93 -17.64 -14.73 11.26
CA VAL A 93 -16.55 -15.39 10.55
C VAL A 93 -17.02 -16.78 10.13
N TYR A 94 -16.82 -17.12 8.86
CA TYR A 94 -17.20 -18.41 8.30
C TYR A 94 -15.95 -19.21 7.94
N TYR A 95 -15.89 -20.46 8.41
CA TYR A 95 -14.76 -21.35 8.16
C TYR A 95 -15.21 -22.55 7.33
N CYS A 96 -14.29 -23.06 6.50
CA CYS A 96 -14.40 -24.38 5.91
C CYS A 96 -13.33 -25.30 6.49
N ALA A 97 -13.68 -26.59 6.63
CA ALA A 97 -12.79 -27.57 7.23
C ALA A 97 -13.02 -28.93 6.57
N SER A 98 -11.93 -29.64 6.29
CA SER A 98 -11.99 -30.93 5.62
C SER A 98 -10.84 -31.81 6.12
N GLY A 99 -10.70 -32.98 5.51
CA GLY A 99 -9.66 -33.92 5.90
C GLY A 99 -10.16 -35.32 6.19
N TYR A 100 -9.23 -36.30 6.14
CA TYR A 100 -9.55 -37.66 6.56
C TYR A 100 -10.03 -37.65 8.01
N VAL A 101 -9.27 -37.00 8.88
CA VAL A 101 -9.74 -36.68 10.21
C VAL A 101 -10.62 -35.45 10.09
N ALA A 102 -11.85 -35.55 10.57
CA ALA A 102 -12.78 -34.44 10.48
C ALA A 102 -12.25 -33.25 11.28
N PHE A 103 -12.38 -32.06 10.70
CA PHE A 103 -11.95 -30.80 11.31
C PHE A 103 -10.45 -30.77 11.59
N HIS A 104 -9.68 -31.54 10.82
CA HIS A 104 -8.23 -31.54 10.96
C HIS A 104 -7.62 -30.26 10.38
N TYR A 105 -8.00 -29.91 9.15
CA TYR A 105 -7.41 -28.78 8.44
C TYR A 105 -8.47 -27.73 8.20
N TRP A 106 -8.15 -26.48 8.53
CA TRP A 106 -9.14 -25.41 8.45
C TRP A 106 -8.80 -24.35 7.40
N GLY A 107 -7.71 -23.62 7.57
CA GLY A 107 -7.59 -22.34 6.91
C GLY A 107 -8.78 -21.55 7.45
N GLN A 108 -8.89 -20.25 7.23
CA GLN A 108 -10.17 -19.70 6.80
C GLN A 108 -10.35 -18.37 7.48
N GLY A 109 -11.55 -17.89 7.38
CA GLY A 109 -11.99 -16.66 7.96
C GLY A 109 -12.31 -15.76 6.82
N THR A 110 -13.60 -15.79 6.49
CA THR A 110 -14.24 -14.83 5.61
C THR A 110 -15.11 -14.04 6.57
N THR A 111 -14.71 -12.82 6.85
CA THR A 111 -15.51 -11.97 7.72
C THR A 111 -16.66 -11.40 6.91
N LEU A 112 -17.88 -11.72 7.30
CA LEU A 112 -19.09 -11.24 6.64
C LEU A 112 -19.76 -10.23 7.55
N THR A 113 -20.03 -9.02 7.02
CA THR A 113 -20.71 -7.96 7.77
C THR A 113 -21.98 -7.54 7.05
N VAL A 114 -23.09 -7.56 7.75
CA VAL A 114 -24.39 -7.09 7.26
C VAL A 114 -24.72 -5.82 8.06
N SER A 115 -24.63 -4.63 7.42
CA SER A 115 -24.92 -3.40 8.15
C SER A 115 -25.58 -2.26 7.37
N SER A 116 -25.89 -2.43 6.08
CA SER A 116 -26.58 -1.42 5.27
C SER A 116 -25.77 -0.13 5.16
N ALA A 117 -24.66 -0.05 5.88
CA ALA A 117 -23.75 1.08 5.85
C ALA A 117 -22.76 0.90 4.70
N LYS A 118 -22.25 2.00 4.19
CA LYS A 118 -21.39 1.96 3.02
C LYS A 118 -19.95 1.68 3.44
N THR A 119 -19.24 0.92 2.61
CA THR A 119 -17.85 0.60 2.88
C THR A 119 -16.99 1.86 2.77
N THR A 120 -16.13 2.08 3.77
CA THR A 120 -15.25 3.23 3.79
C THR A 120 -13.83 2.76 4.05
N PRO A 121 -12.86 3.18 3.26
CA PRO A 121 -11.47 2.76 3.48
C PRO A 121 -10.88 3.47 4.68
N PRO A 122 -9.81 2.94 5.25
CA PRO A 122 -9.18 3.57 6.40
C PRO A 122 -8.18 4.65 6.02
N SER A 123 -7.94 5.54 6.98
CA SER A 123 -6.82 6.47 6.94
C SER A 123 -5.73 5.93 7.83
N VAL A 124 -4.52 5.79 7.29
CA VAL A 124 -3.40 5.23 8.02
C VAL A 124 -2.45 6.37 8.39
N TYR A 125 -2.20 6.52 9.69
CA TYR A 125 -1.39 7.62 10.18
C TYR A 125 -0.14 7.12 10.87
N PRO A 126 1.00 7.76 10.63
CA PRO A 126 2.26 7.30 11.26
C PRO A 126 2.41 7.84 12.66
N LEU A 127 3.01 7.01 13.52
CA LEU A 127 3.27 7.34 14.93
C LEU A 127 4.77 7.23 15.18
N ALA A 128 5.46 8.31 14.95
CA ALA A 128 6.87 8.55 15.22
C ALA A 128 7.03 9.26 16.55
N PRO A 129 8.13 9.02 17.28
CA PRO A 129 8.31 9.64 18.60
C PRO A 129 8.40 11.17 18.53
N ASN A 136 17.90 5.78 23.64
CA ASN A 136 17.27 4.66 24.34
C ASN A 136 17.71 3.32 23.73
N SER A 137 17.18 2.22 24.25
CA SER A 137 17.57 0.89 23.80
C SER A 137 16.63 0.34 22.73
N MET A 138 15.32 0.46 22.94
CA MET A 138 14.30 -0.06 22.03
C MET A 138 13.26 1.01 21.76
N VAL A 139 13.30 1.63 20.57
CA VAL A 139 12.34 2.66 20.22
C VAL A 139 11.04 1.99 19.75
N THR A 140 9.91 2.61 20.06
CA THR A 140 8.59 2.07 19.73
C THR A 140 7.96 2.95 18.66
N LEU A 141 7.51 2.34 17.56
CA LEU A 141 6.83 3.02 16.48
C LEU A 141 5.42 2.46 16.33
N GLY A 142 4.64 3.08 15.45
CA GLY A 142 3.27 2.61 15.29
C GLY A 142 2.57 3.19 14.09
N CYS A 143 1.36 2.67 13.86
CA CYS A 143 0.46 3.17 12.83
C CYS A 143 -0.95 3.16 13.38
N LEU A 144 -1.66 4.27 13.19
CA LEU A 144 -3.05 4.40 13.61
C LEU A 144 -3.89 4.23 12.36
N VAL A 145 -4.83 3.28 12.39
CA VAL A 145 -5.70 2.97 11.27
C VAL A 145 -7.10 3.38 11.69
N LYS A 146 -7.60 4.49 11.13
CA LYS A 146 -8.77 5.16 11.69
C LYS A 146 -9.88 5.30 10.65
N GLY A 147 -11.11 5.07 11.10
CA GLY A 147 -12.30 5.38 10.32
C GLY A 147 -12.58 4.46 9.15
N TYR A 148 -12.47 3.15 9.34
CA TYR A 148 -12.75 2.18 8.29
C TYR A 148 -14.00 1.38 8.61
N PHE A 149 -14.56 0.77 7.55
CA PHE A 149 -15.73 -0.08 7.64
C PHE A 149 -15.88 -0.87 6.35
N PRO A 150 -16.20 -2.17 6.40
CA PRO A 150 -16.31 -2.93 7.65
C PRO A 150 -14.97 -3.55 8.05
N GLU A 151 -15.02 -4.41 9.07
CA GLU A 151 -13.87 -5.21 9.43
C GLU A 151 -13.65 -6.28 8.35
N PRO A 152 -12.45 -6.85 8.28
CA PRO A 152 -11.26 -6.61 9.10
C PRO A 152 -10.19 -5.77 8.40
N VAL A 153 -9.16 -5.42 9.15
CA VAL A 153 -7.93 -4.83 8.62
C VAL A 153 -6.78 -5.72 9.04
N THR A 154 -5.91 -6.06 8.09
CA THR A 154 -4.71 -6.82 8.39
C THR A 154 -3.52 -5.87 8.33
N VAL A 155 -2.71 -5.86 9.38
CA VAL A 155 -1.57 -4.98 9.51
C VAL A 155 -0.30 -5.83 9.57
N THR A 156 0.66 -5.52 8.71
CA THR A 156 1.99 -6.11 8.75
C THR A 156 3.01 -4.98 8.81
N TRP A 157 4.24 -5.34 9.19
CA TRP A 157 5.35 -4.39 9.27
C TRP A 157 6.49 -4.94 8.43
N ASN A 158 6.91 -4.16 7.43
CA ASN A 158 7.95 -4.57 6.48
C ASN A 158 7.62 -5.92 5.85
N SER A 159 6.36 -6.05 5.43
CA SER A 159 5.87 -7.24 4.71
C SER A 159 6.09 -8.51 5.51
N GLY A 160 5.85 -8.45 6.82
CA GLY A 160 5.95 -9.60 7.69
C GLY A 160 7.33 -9.84 8.27
N SER A 161 8.35 -9.09 7.84
CA SER A 161 9.69 -9.31 8.33
C SER A 161 9.84 -8.97 9.81
N LEU A 162 9.06 -8.01 10.31
CA LEU A 162 9.17 -7.61 11.72
C LEU A 162 8.01 -8.11 12.58
N SER A 163 7.61 -9.38 12.41
CA SER A 163 6.47 -9.89 13.17
C SER A 163 6.77 -9.96 14.66
N SER A 164 8.04 -10.03 15.03
CA SER A 164 8.42 -9.94 16.44
C SER A 164 8.38 -8.50 16.90
N GLY A 165 7.90 -8.29 18.12
CA GLY A 165 7.84 -6.95 18.66
C GLY A 165 6.67 -6.14 18.16
N VAL A 166 5.67 -6.78 17.54
CA VAL A 166 4.48 -6.11 17.03
C VAL A 166 3.30 -6.41 17.93
N HIS A 167 2.48 -5.40 18.17
CA HIS A 167 1.23 -5.51 18.91
C HIS A 167 0.13 -4.81 18.10
N THR A 168 -0.69 -5.59 17.41
CA THR A 168 -1.86 -5.06 16.72
C THR A 168 -3.07 -5.26 17.61
N PHE A 169 -3.69 -4.12 18.06
CA PHE A 169 -4.75 -4.11 19.06
C PHE A 169 -6.11 -4.29 18.39
N PRO A 170 -7.06 -4.89 19.11
CA PRO A 170 -8.42 -5.05 18.56
C PRO A 170 -9.08 -3.71 18.28
N ALA A 171 -9.91 -3.70 17.24
CA ALA A 171 -10.58 -2.48 16.79
C ALA A 171 -11.66 -2.05 17.79
N VAL A 172 -11.92 -0.75 17.80
CA VAL A 172 -12.99 -0.17 18.59
C VAL A 172 -14.01 0.47 17.65
N LEU A 173 -15.28 0.38 18.00
CA LEU A 173 -16.37 0.90 17.19
C LEU A 173 -16.84 2.23 17.77
N GLN A 174 -16.93 3.25 16.91
CA GLN A 174 -17.25 4.60 17.35
C GLN A 174 -17.89 5.33 16.18
N SER A 175 -19.12 5.81 16.38
CA SER A 175 -19.89 6.48 15.34
C SER A 175 -19.96 5.64 14.07
N ASP A 176 -20.15 4.33 14.25
CA ASP A 176 -20.30 3.36 13.16
C ASP A 176 -19.04 3.23 12.31
N LEU A 177 -17.88 3.66 12.82
CA LEU A 177 -16.60 3.46 12.15
C LEU A 177 -15.61 2.83 13.12
N TYR A 178 -14.71 2.03 12.58
CA TYR A 178 -13.71 1.33 13.38
C TYR A 178 -12.39 2.09 13.42
N THR A 179 -11.68 1.93 14.53
CA THR A 179 -10.35 2.50 14.71
C THR A 179 -9.46 1.45 15.35
N LEU A 180 -8.26 1.29 14.79
CA LEU A 180 -7.32 0.27 15.22
C LEU A 180 -5.94 0.90 15.34
N SER A 181 -5.11 0.33 16.22
CA SER A 181 -3.75 0.80 16.36
C SER A 181 -2.80 -0.39 16.38
N SER A 182 -1.64 -0.22 15.77
CA SER A 182 -0.59 -1.22 15.76
C SER A 182 0.72 -0.56 16.16
N SER A 183 1.54 -1.32 16.88
CA SER A 183 2.83 -0.83 17.37
C SER A 183 3.90 -1.86 17.07
N VAL A 184 5.12 -1.36 16.88
CA VAL A 184 6.31 -2.18 16.62
C VAL A 184 7.45 -1.59 17.44
N THR A 185 8.33 -2.46 17.92
CA THR A 185 9.45 -2.05 18.78
C THR A 185 10.72 -2.63 18.18
N VAL A 186 11.68 -1.76 17.88
CA VAL A 186 12.97 -2.16 17.30
C VAL A 186 14.07 -1.45 18.06
N PRO A 187 15.33 -1.91 17.91
CA PRO A 187 16.44 -1.23 18.58
C PRO A 187 16.61 0.19 18.04
N SER A 188 17.33 1.00 18.81
CA SER A 188 17.62 2.35 18.35
C SER A 188 18.62 2.35 17.18
N SER A 189 19.37 1.26 17.02
CA SER A 189 20.36 1.16 15.94
C SER A 189 19.74 1.13 14.54
N PRO A 190 18.72 0.31 14.25
CA PRO A 190 18.19 0.30 12.87
C PRO A 190 17.36 1.52 12.50
N ARG A 191 16.59 2.08 13.42
CA ARG A 191 15.66 3.15 13.07
C ARG A 191 16.10 4.46 13.72
N PRO A 192 16.31 5.54 12.93
CA PRO A 192 15.82 5.73 11.55
C PRO A 192 16.78 5.34 10.42
N SER A 193 17.93 4.78 10.76
CA SER A 193 18.92 4.42 9.74
C SER A 193 18.34 3.47 8.70
N GLU A 194 17.49 2.53 9.13
CA GLU A 194 16.83 1.60 8.24
C GLU A 194 15.31 1.76 8.32
N THR A 195 14.66 1.53 7.18
CA THR A 195 13.25 1.86 7.02
C THR A 195 12.35 0.91 7.80
N VAL A 196 11.23 1.45 8.27
CA VAL A 196 10.15 0.71 8.90
C VAL A 196 8.84 1.18 8.27
N THR A 197 8.10 0.27 7.65
CA THR A 197 6.86 0.56 6.97
C THR A 197 5.74 -0.31 7.53
N CYS A 198 4.57 0.26 7.74
CA CYS A 198 3.39 -0.49 8.11
C CYS A 198 2.50 -0.67 6.89
N ASN A 199 2.06 -1.89 6.66
CA ASN A 199 1.24 -2.23 5.51
C ASN A 199 -0.16 -2.56 6.00
N VAL A 200 -1.16 -1.84 5.48
CA VAL A 200 -2.54 -2.01 5.91
C VAL A 200 -3.35 -2.43 4.69
N ALA A 201 -3.99 -3.59 4.78
CA ALA A 201 -4.86 -4.10 3.73
C ALA A 201 -6.30 -4.10 4.23
N HIS A 202 -7.21 -3.66 3.37
CA HIS A 202 -8.64 -3.63 3.69
C HIS A 202 -9.37 -4.34 2.56
N PRO A 203 -9.59 -5.65 2.71
CA PRO A 203 -10.12 -6.44 1.57
C PRO A 203 -11.49 -6.00 1.08
N ALA A 204 -12.35 -5.50 1.96
CA ALA A 204 -13.70 -5.14 1.55
C ALA A 204 -13.72 -4.03 0.50
N SER A 205 -12.76 -3.11 0.56
CA SER A 205 -12.62 -2.04 -0.43
C SER A 205 -11.47 -2.29 -1.42
N SER A 206 -10.85 -3.48 -1.37
CA SER A 206 -9.72 -3.82 -2.23
C SER A 206 -8.62 -2.77 -2.16
N THR A 207 -8.35 -2.29 -0.94
CA THR A 207 -7.41 -1.21 -0.69
C THR A 207 -6.18 -1.75 0.04
N LYS A 208 -5.00 -1.32 -0.42
CA LYS A 208 -3.74 -1.56 0.27
C LYS A 208 -3.06 -0.21 0.48
N VAL A 209 -2.62 0.05 1.71
CA VAL A 209 -1.98 1.32 2.07
C VAL A 209 -0.68 1.01 2.79
N ASP A 210 0.40 1.64 2.36
CA ASP A 210 1.71 1.51 2.99
C ASP A 210 2.18 2.88 3.47
N LYS A 211 2.54 2.95 4.75
CA LYS A 211 2.99 4.18 5.39
C LYS A 211 4.35 3.94 6.02
N LYS A 212 5.39 4.58 5.47
CA LYS A 212 6.70 4.53 6.07
C LYS A 212 6.75 5.48 7.27
N ILE A 213 7.38 5.04 8.34
CA ILE A 213 7.46 5.84 9.56
C ILE A 213 8.73 6.69 9.50
N VAL A 214 8.56 8.00 9.50
CA VAL A 214 9.66 8.95 9.34
C VAL A 214 9.72 9.87 10.55
N PRO A 215 10.91 10.18 11.07
CA PRO A 215 11.02 11.05 12.24
C PRO A 215 10.35 12.40 12.01
N ARG A 216 10.01 13.04 13.13
CA ARG A 216 9.31 14.31 13.12
C ARG A 216 10.28 15.47 12.94
N ASP A 217 9.74 16.62 12.55
CA ASP A 217 10.55 17.81 12.32
C ASP A 217 9.76 19.09 12.62
N ASP B 1 -30.90 -31.61 20.01
CA ASP B 1 -29.45 -31.59 19.86
C ASP B 1 -28.76 -31.98 21.16
N ILE B 2 -27.52 -32.44 21.03
CA ILE B 2 -26.67 -32.71 22.18
C ILE B 2 -26.09 -31.39 22.68
N VAL B 3 -26.15 -31.18 24.00
CA VAL B 3 -25.61 -29.98 24.59
C VAL B 3 -24.29 -30.35 25.26
N ILE B 4 -23.30 -29.46 25.13
CA ILE B 4 -21.97 -29.70 25.66
C ILE B 4 -21.56 -28.51 26.50
N ILE B 5 -21.00 -28.77 27.69
CA ILE B 5 -20.67 -27.71 28.63
C ILE B 5 -19.24 -27.92 29.10
N GLN B 6 -18.55 -26.82 29.41
CA GLN B 6 -17.17 -26.87 29.83
C GLN B 6 -17.00 -26.16 31.17
N ASP B 7 -15.94 -26.53 31.88
CA ASP B 7 -15.62 -25.84 33.12
C ASP B 7 -14.65 -24.70 32.83
N GLU B 8 -14.37 -23.91 33.87
CA GLU B 8 -13.46 -22.78 33.75
C GLU B 8 -12.29 -22.98 34.69
N LEU B 9 -11.15 -22.38 34.34
CA LEU B 9 -9.98 -22.36 35.21
C LEU B 9 -10.09 -21.17 36.16
N SER B 10 -9.86 -21.42 37.44
CA SER B 10 -10.11 -20.40 38.46
C SER B 10 -9.24 -19.17 38.26
N ASN B 11 -7.94 -19.39 38.07
CA ASN B 11 -6.98 -18.29 38.08
C ASN B 11 -5.82 -18.67 37.17
N PRO B 12 -4.89 -17.74 36.93
CA PRO B 12 -3.73 -18.08 36.10
C PRO B 12 -2.99 -19.31 36.64
N VAL B 13 -2.69 -20.23 35.73
CA VAL B 13 -2.02 -21.45 36.12
C VAL B 13 -0.53 -21.20 36.30
N THR B 14 0.11 -22.03 37.10
CA THR B 14 1.54 -21.92 37.36
C THR B 14 2.30 -22.69 36.30
N SER B 15 3.38 -22.10 35.80
CA SER B 15 4.20 -22.75 34.79
C SER B 15 4.83 -24.02 35.35
N GLY B 16 4.80 -25.09 34.57
CA GLY B 16 5.39 -26.36 34.94
C GLY B 16 4.41 -27.36 35.51
N GLU B 17 3.32 -26.89 36.13
CA GLU B 17 2.35 -27.78 36.72
C GLU B 17 1.40 -28.33 35.66
N SER B 18 0.53 -29.23 36.10
CA SER B 18 -0.47 -29.83 35.23
C SER B 18 -1.77 -29.04 35.29
N VAL B 19 -2.48 -29.04 34.17
CA VAL B 19 -3.77 -28.37 34.04
C VAL B 19 -4.77 -29.36 33.47
N SER B 20 -5.98 -29.36 34.00
CA SER B 20 -7.08 -30.19 33.52
C SER B 20 -8.21 -29.29 33.03
N ILE B 21 -8.69 -29.55 31.81
CA ILE B 21 -9.85 -28.86 31.25
C ILE B 21 -10.93 -29.90 31.00
N SER B 22 -12.11 -29.69 31.59
CA SER B 22 -13.17 -30.68 31.58
C SER B 22 -14.38 -30.22 30.76
N CYS B 23 -15.12 -31.21 30.27
CA CYS B 23 -16.21 -31.04 29.33
C CYS B 23 -17.22 -32.14 29.59
N ARG B 24 -18.52 -31.80 29.58
CA ARG B 24 -19.56 -32.78 29.80
C ARG B 24 -20.62 -32.65 28.72
N SER B 25 -21.23 -33.78 28.38
CA SER B 25 -22.22 -33.85 27.30
C SER B 25 -23.55 -34.32 27.86
N SER B 26 -24.63 -33.82 27.26
CA SER B 26 -26.00 -34.17 27.63
C SER B 26 -26.39 -35.57 27.21
N GLN B 27 -25.50 -36.28 26.52
CA GLN B 27 -25.79 -37.60 25.99
C GLN B 27 -24.47 -38.33 25.77
N SER B 28 -24.53 -39.65 25.76
CA SER B 28 -23.32 -40.43 25.54
C SER B 28 -22.75 -40.17 24.16
N LEU B 29 -21.43 -40.04 24.10
CA LEU B 29 -20.71 -39.89 22.84
C LEU B 29 -20.08 -41.19 22.39
N LEU B 30 -20.33 -42.28 23.11
CA LEU B 30 -19.83 -43.59 22.68
C LEU B 30 -20.74 -44.10 21.55
N TYR B 31 -20.15 -44.35 20.40
CA TYR B 31 -20.88 -44.84 19.24
C TYR B 31 -20.79 -46.37 19.21
N LYS B 32 -21.64 -46.98 18.37
CA LYS B 32 -21.75 -48.43 18.31
C LYS B 32 -20.50 -49.12 17.78
N ASP B 33 -19.54 -48.37 17.24
CA ASP B 33 -18.26 -48.93 16.81
C ASP B 33 -17.22 -48.96 17.93
N GLY B 34 -17.57 -48.47 19.12
CA GLY B 34 -16.68 -48.50 20.27
C GLY B 34 -15.75 -47.31 20.40
N LYS B 35 -15.80 -46.35 19.48
CA LYS B 35 -15.02 -45.13 19.56
C LYS B 35 -15.90 -44.01 20.11
N THR B 36 -15.28 -43.06 20.80
CA THR B 36 -15.99 -41.93 21.39
C THR B 36 -15.68 -40.67 20.59
N TYR B 37 -16.71 -40.06 20.03
CA TYR B 37 -16.56 -38.99 19.04
C TYR B 37 -16.52 -37.62 19.73
N LEU B 38 -15.31 -37.24 20.16
CA LEU B 38 -15.08 -35.98 20.84
C LEU B 38 -13.76 -35.39 20.37
N ASN B 39 -13.78 -34.09 20.01
CA ASN B 39 -12.60 -33.35 19.60
C ASN B 39 -12.24 -32.29 20.64
N TRP B 40 -10.94 -31.99 20.72
CA TRP B 40 -10.41 -30.89 21.51
C TRP B 40 -9.67 -29.93 20.58
N PHE B 41 -9.97 -28.64 20.67
CA PHE B 41 -9.35 -27.59 19.87
C PHE B 41 -8.71 -26.53 20.76
N LEU B 42 -7.66 -25.90 20.23
CA LEU B 42 -7.10 -24.67 20.78
C LEU B 42 -7.23 -23.58 19.75
N GLN B 43 -7.89 -22.48 20.12
CA GLN B 43 -8.03 -21.31 19.25
C GLN B 43 -7.26 -20.15 19.86
N ARG B 44 -6.34 -19.61 19.09
CA ARG B 44 -5.58 -18.43 19.41
C ARG B 44 -6.21 -17.20 18.78
N PRO B 45 -5.97 -16.01 19.32
CA PRO B 45 -6.63 -14.81 18.79
C PRO B 45 -6.25 -14.55 17.33
N GLY B 46 -7.27 -14.40 16.50
CA GLY B 46 -7.07 -14.12 15.09
C GLY B 46 -6.76 -15.31 14.23
N GLN B 47 -6.82 -16.52 14.80
CA GLN B 47 -6.48 -17.73 14.07
C GLN B 47 -7.67 -18.67 14.05
N SER B 48 -7.62 -19.63 13.14
CA SER B 48 -8.60 -20.69 13.13
C SER B 48 -8.34 -21.65 14.30
N PRO B 49 -9.34 -22.39 14.74
CA PRO B 49 -9.10 -23.41 15.76
C PRO B 49 -8.13 -24.48 15.25
N GLN B 50 -7.26 -24.94 16.15
CA GLN B 50 -6.28 -25.98 15.86
C GLN B 50 -6.72 -27.27 16.55
N LEU B 51 -6.90 -28.32 15.77
CA LEU B 51 -7.34 -29.61 16.31
C LEU B 51 -6.21 -30.23 17.14
N LEU B 52 -6.50 -30.52 18.41
CA LEU B 52 -5.51 -31.15 19.28
C LEU B 52 -5.73 -32.65 19.43
N ILE B 53 -6.95 -33.07 19.77
CA ILE B 53 -7.28 -34.48 20.00
C ILE B 53 -8.59 -34.80 19.30
N TYR B 54 -8.64 -35.96 18.64
CA TYR B 54 -9.87 -36.52 18.09
C TYR B 54 -10.08 -37.93 18.66
N LEU B 55 -11.31 -38.43 18.50
CA LEU B 55 -11.73 -39.71 19.08
C LEU B 55 -11.39 -39.76 20.56
N MET B 56 -11.39 -38.57 21.17
CA MET B 56 -11.31 -38.30 22.60
C MET B 56 -9.93 -38.57 23.20
N SER B 57 -9.07 -39.34 22.51
CA SER B 57 -7.77 -39.70 23.09
C SER B 57 -6.60 -39.70 22.11
N THR B 58 -6.81 -39.52 20.82
CA THR B 58 -5.74 -39.62 19.84
C THR B 58 -5.21 -38.22 19.48
N ARG B 59 -3.94 -37.98 19.76
CA ARG B 59 -3.28 -36.70 19.50
C ARG B 59 -3.09 -36.45 18.01
N ALA B 60 -3.37 -35.21 17.60
CA ALA B 60 -3.22 -34.81 16.19
C ALA B 60 -1.75 -34.78 15.82
N SER B 61 -1.50 -34.84 14.52
CA SER B 61 -0.13 -34.79 14.01
C SER B 61 0.55 -33.52 14.49
N GLY B 62 1.69 -33.66 15.15
CA GLY B 62 2.50 -32.53 15.54
C GLY B 62 2.13 -31.92 16.87
N VAL B 63 1.06 -32.39 17.51
CA VAL B 63 0.67 -31.83 18.79
C VAL B 63 1.64 -32.32 19.87
N SER B 64 2.00 -31.43 20.78
CA SER B 64 2.93 -31.80 21.85
C SER B 64 2.40 -32.97 22.66
N ASP B 65 3.31 -33.84 23.11
CA ASP B 65 2.96 -34.99 23.92
C ASP B 65 2.51 -34.62 25.32
N ARG B 66 2.61 -33.34 25.68
CA ARG B 66 2.12 -32.85 26.96
C ARG B 66 0.60 -32.84 27.02
N PHE B 67 -0.09 -33.01 25.89
CA PHE B 67 -1.54 -32.97 25.82
C PHE B 67 -2.06 -34.39 25.67
N SER B 68 -2.98 -34.77 26.56
CA SER B 68 -3.62 -36.08 26.49
C SER B 68 -5.12 -35.91 26.74
N GLY B 69 -5.89 -36.80 26.15
CA GLY B 69 -7.34 -36.79 26.30
C GLY B 69 -7.83 -38.10 26.88
N SER B 70 -8.82 -38.02 27.77
CA SER B 70 -9.43 -39.17 28.41
C SER B 70 -10.89 -38.85 28.70
N GLY B 71 -11.62 -39.85 29.16
CA GLY B 71 -13.00 -39.62 29.55
C GLY B 71 -13.85 -40.87 29.48
N SER B 72 -15.08 -40.71 29.96
CA SER B 72 -16.17 -41.68 29.95
C SER B 72 -17.04 -41.40 28.72
N GLY B 73 -18.29 -41.89 28.71
CA GLY B 73 -19.21 -41.52 27.65
C GLY B 73 -19.88 -40.15 27.74
N THR B 74 -19.80 -39.44 28.87
CA THR B 74 -20.42 -38.12 29.03
C THR B 74 -19.50 -37.12 29.72
N ASP B 75 -18.37 -37.54 30.28
CA ASP B 75 -17.46 -36.67 31.01
C ASP B 75 -16.06 -36.86 30.44
N PHE B 76 -15.45 -35.75 30.02
CA PHE B 76 -14.18 -35.78 29.29
C PHE B 76 -13.22 -34.76 29.87
N THR B 77 -11.93 -35.09 29.83
CA THR B 77 -10.91 -34.21 30.39
C THR B 77 -9.73 -34.09 29.42
N LEU B 78 -9.30 -32.84 29.19
CA LEU B 78 -8.07 -32.56 28.46
C LEU B 78 -6.98 -32.25 29.48
N GLU B 79 -5.85 -32.95 29.35
CA GLU B 79 -4.73 -32.87 30.28
C GLU B 79 -3.54 -32.19 29.63
N ILE B 80 -2.99 -31.20 30.32
CA ILE B 80 -1.75 -30.53 29.95
C ILE B 80 -0.80 -30.83 31.09
N SER B 81 0.12 -31.77 30.87
CA SER B 81 0.94 -32.27 31.98
C SER B 81 1.93 -31.22 32.48
N ARG B 82 2.59 -30.49 31.57
CA ARG B 82 3.56 -29.46 31.93
C ARG B 82 3.23 -28.19 31.13
N VAL B 83 2.26 -27.41 31.63
CA VAL B 83 1.78 -26.25 30.89
C VAL B 83 2.91 -25.26 30.62
N LYS B 84 2.89 -24.66 29.42
CA LYS B 84 3.86 -23.66 29.04
C LYS B 84 3.13 -22.44 28.48
N ALA B 85 3.86 -21.32 28.41
CA ALA B 85 3.27 -20.05 27.96
C ALA B 85 2.70 -20.15 26.56
N GLU B 86 3.28 -21.03 25.71
CA GLU B 86 2.74 -21.22 24.37
C GLU B 86 1.36 -21.86 24.36
N ASP B 87 0.89 -22.37 25.49
CA ASP B 87 -0.41 -23.03 25.59
C ASP B 87 -1.58 -22.07 25.87
N VAL B 88 -1.32 -20.77 26.03
CA VAL B 88 -2.42 -19.85 26.34
C VAL B 88 -3.37 -19.74 25.15
N GLY B 89 -4.65 -19.52 25.45
CA GLY B 89 -5.66 -19.44 24.41
C GLY B 89 -6.99 -19.95 24.94
N VAL B 90 -7.87 -20.31 24.01
CA VAL B 90 -9.22 -20.78 24.32
C VAL B 90 -9.38 -22.20 23.80
N TYR B 91 -9.77 -23.09 24.72
CA TYR B 91 -9.94 -24.51 24.42
C TYR B 91 -11.42 -24.85 24.23
N TYR B 92 -11.72 -25.59 23.18
CA TYR B 92 -13.09 -26.01 22.86
C TYR B 92 -13.16 -27.53 22.79
N CYS B 93 -14.25 -28.09 23.30
CA CYS B 93 -14.60 -29.48 23.02
C CYS B 93 -15.74 -29.49 22.01
N GLN B 94 -15.91 -30.63 21.36
CA GLN B 94 -16.93 -30.81 20.33
C GLN B 94 -17.34 -32.27 20.28
N GLN B 95 -18.63 -32.51 20.12
CA GLN B 95 -19.13 -33.86 19.93
C GLN B 95 -19.46 -34.06 18.47
N LEU B 96 -19.18 -35.26 17.96
CA LEU B 96 -19.43 -35.60 16.57
C LEU B 96 -20.12 -36.97 16.45
N VAL B 97 -20.88 -37.35 17.47
CA VAL B 97 -21.61 -38.62 17.42
C VAL B 97 -22.98 -38.47 16.76
N GLN B 98 -23.56 -37.27 16.75
CA GLN B 98 -24.84 -37.07 16.09
C GLN B 98 -24.93 -35.64 15.56
N HIS B 99 -25.43 -35.50 14.34
CA HIS B 99 -25.61 -34.17 13.77
C HIS B 99 -26.81 -33.49 14.42
N PRO B 100 -26.71 -32.18 14.73
CA PRO B 100 -25.56 -31.35 14.36
C PRO B 100 -24.43 -31.43 15.37
N PHE B 101 -23.20 -31.46 14.88
CA PHE B 101 -22.04 -31.42 15.75
C PHE B 101 -22.03 -30.11 16.51
N THR B 102 -21.99 -30.19 17.84
CA THR B 102 -22.06 -29.02 18.68
C THR B 102 -20.77 -28.83 19.47
N PHE B 103 -20.45 -27.57 19.73
CA PHE B 103 -19.27 -27.16 20.48
C PHE B 103 -19.67 -26.67 21.86
N GLY B 104 -18.71 -26.69 22.79
CA GLY B 104 -18.87 -25.97 24.04
C GLY B 104 -18.50 -24.50 23.89
N SER B 105 -18.79 -23.71 24.94
CA SER B 105 -18.58 -22.26 24.94
C SER B 105 -17.11 -21.87 25.07
N GLY B 106 -16.21 -22.82 25.24
CA GLY B 106 -14.79 -22.50 25.31
C GLY B 106 -14.30 -22.27 26.73
N THR B 107 -13.02 -22.57 26.95
CA THR B 107 -12.38 -22.48 28.25
C THR B 107 -11.05 -21.76 28.09
N LYS B 108 -10.94 -20.59 28.69
CA LYS B 108 -9.77 -19.73 28.52
C LYS B 108 -8.68 -20.06 29.52
N LEU B 109 -7.45 -20.16 29.04
CA LEU B 109 -6.28 -20.49 29.84
C LEU B 109 -5.32 -19.31 29.85
N GLU B 110 -4.99 -18.82 31.03
CA GLU B 110 -3.92 -17.84 31.23
C GLU B 110 -2.88 -18.40 32.19
N ILE B 111 -1.62 -18.01 31.97
CA ILE B 111 -0.49 -18.52 32.72
C ILE B 111 0.09 -17.40 33.57
N LYS B 112 0.69 -17.77 34.70
CA LYS B 112 1.30 -16.82 35.61
C LYS B 112 2.79 -16.65 35.28
N ARG B 113 3.29 -15.43 35.47
CA ARG B 113 4.71 -15.14 35.31
C ARG B 113 5.08 -13.99 36.24
N ALA B 114 6.36 -13.64 36.24
CA ALA B 114 6.86 -12.59 37.11
C ALA B 114 6.25 -11.24 36.75
N ASP B 115 6.13 -10.38 37.75
CA ASP B 115 5.56 -9.06 37.53
C ASP B 115 6.43 -8.25 36.59
N ALA B 116 5.79 -7.44 35.75
CA ALA B 116 6.49 -6.63 34.77
C ALA B 116 5.79 -5.29 34.59
N ALA B 117 6.58 -4.22 34.51
CA ALA B 117 6.05 -2.88 34.34
C ALA B 117 5.79 -2.59 32.85
N PRO B 118 4.77 -1.80 32.56
CA PRO B 118 4.47 -1.49 31.16
C PRO B 118 5.50 -0.54 30.56
N THR B 119 5.85 -0.80 29.30
CA THR B 119 6.68 0.11 28.54
C THR B 119 5.76 1.15 27.90
N VAL B 120 5.83 2.38 28.42
CA VAL B 120 4.94 3.46 28.00
C VAL B 120 5.54 4.20 26.82
N SER B 121 4.70 4.51 25.83
CA SER B 121 5.10 5.28 24.65
C SER B 121 3.93 6.14 24.20
N ILE B 122 4.13 7.45 24.16
CA ILE B 122 3.09 8.41 23.77
C ILE B 122 3.47 9.02 22.43
N PHE B 123 2.47 9.27 21.59
CA PHE B 123 2.68 9.79 20.25
C PHE B 123 1.74 10.97 20.00
N PRO B 124 2.26 12.12 19.59
CA PRO B 124 1.39 13.23 19.23
C PRO B 124 0.72 12.95 17.90
N PRO B 125 -0.31 13.73 17.54
CA PRO B 125 -0.94 13.54 16.23
C PRO B 125 0.05 13.74 15.10
N SER B 126 -0.16 12.98 14.02
CA SER B 126 0.66 13.11 12.83
C SER B 126 0.25 14.34 12.02
N SER B 127 1.16 14.82 11.18
CA SER B 127 0.82 15.93 10.30
C SER B 127 -0.26 15.54 9.30
N GLU B 128 -0.24 14.28 8.83
CA GLU B 128 -1.27 13.83 7.90
C GLU B 128 -2.66 13.95 8.51
N GLN B 129 -2.80 13.59 9.80
CA GLN B 129 -4.10 13.69 10.46
C GLN B 129 -4.51 15.16 10.67
N LEU B 130 -3.58 15.99 11.12
CA LEU B 130 -3.87 17.41 11.32
C LEU B 130 -4.33 18.09 10.04
N THR B 131 -3.79 17.67 8.89
CA THR B 131 -4.26 18.20 7.61
C THR B 131 -5.73 17.85 7.39
N SER B 132 -6.13 16.64 7.80
CA SER B 132 -7.52 16.22 7.65
C SER B 132 -8.46 16.91 8.63
N GLY B 133 -7.93 17.42 9.74
CA GLY B 133 -8.74 18.09 10.74
C GLY B 133 -8.89 17.35 12.05
N GLY B 134 -8.19 16.24 12.24
CA GLY B 134 -8.24 15.47 13.46
C GLY B 134 -6.95 15.56 14.28
N ALA B 135 -7.06 15.10 15.53
CA ALA B 135 -5.92 15.12 16.45
C ALA B 135 -6.10 13.96 17.43
N SER B 136 -5.41 12.85 17.18
CA SER B 136 -5.44 11.69 18.06
C SER B 136 -4.08 11.53 18.71
N VAL B 137 -4.08 11.40 20.04
CA VAL B 137 -2.89 11.16 20.83
C VAL B 137 -2.93 9.71 21.29
N VAL B 138 -1.89 8.95 20.98
CA VAL B 138 -1.86 7.50 21.19
C VAL B 138 -0.81 7.18 22.25
N CYS B 139 -1.19 6.32 23.21
CA CYS B 139 -0.31 5.87 24.27
C CYS B 139 -0.31 4.34 24.29
N PHE B 140 0.88 3.75 24.33
CA PHE B 140 1.06 2.30 24.39
C PHE B 140 1.67 1.93 25.73
N LEU B 141 1.01 1.02 26.45
CA LEU B 141 1.58 0.37 27.64
C LEU B 141 1.78 -1.08 27.23
N ASN B 142 3.01 -1.47 26.99
CA ASN B 142 3.29 -2.73 26.30
C ASN B 142 4.05 -3.69 27.21
N ASN B 143 3.66 -4.96 27.14
CA ASN B 143 4.37 -6.05 27.79
C ASN B 143 4.47 -5.86 29.30
N PHE B 144 3.30 -5.75 29.93
CA PHE B 144 3.20 -5.69 31.38
C PHE B 144 2.52 -6.94 31.90
N TYR B 145 2.67 -7.17 33.21
CA TYR B 145 2.01 -8.28 33.90
C TYR B 145 1.83 -7.86 35.35
N PRO B 146 0.62 -8.05 35.92
CA PRO B 146 -0.51 -8.73 35.30
C PRO B 146 -1.45 -7.78 34.58
N LYS B 147 -2.57 -8.33 34.07
CA LYS B 147 -3.46 -7.56 33.21
C LYS B 147 -4.20 -6.43 33.91
N ASP B 148 -4.29 -6.44 35.24
CA ASP B 148 -5.02 -5.39 35.95
C ASP B 148 -4.21 -4.09 35.88
N ILE B 149 -4.70 -3.14 35.08
CA ILE B 149 -4.01 -1.87 34.89
C ILE B 149 -5.06 -0.81 34.57
N ASN B 150 -4.76 0.42 34.98
CA ASN B 150 -5.57 1.59 34.65
C ASN B 150 -4.66 2.64 34.05
N VAL B 151 -5.26 3.51 33.24
CA VAL B 151 -4.52 4.54 32.53
C VAL B 151 -5.27 5.86 32.68
N LYS B 152 -4.51 6.93 32.89
CA LYS B 152 -5.08 8.25 33.15
C LYS B 152 -4.47 9.25 32.19
N TRP B 153 -5.31 10.13 31.66
CA TRP B 153 -4.91 11.18 30.73
C TRP B 153 -5.05 12.53 31.41
N LYS B 154 -3.99 13.32 31.37
CA LYS B 154 -4.01 14.68 31.90
C LYS B 154 -3.58 15.67 30.82
N ILE B 155 -4.33 16.77 30.73
CA ILE B 155 -4.05 17.83 29.78
C ILE B 155 -3.66 19.06 30.60
N ASP B 156 -2.38 19.45 30.48
CA ASP B 156 -1.83 20.59 31.21
C ASP B 156 -2.01 20.45 32.74
N GLY B 157 -2.14 19.22 33.22
CA GLY B 157 -2.31 18.96 34.63
C GLY B 157 -3.72 18.67 35.09
N SER B 158 -4.69 18.59 34.19
CA SER B 158 -6.08 18.29 34.52
C SER B 158 -6.48 16.96 33.90
N GLU B 159 -7.08 16.09 34.71
CA GLU B 159 -7.47 14.77 34.23
C GLU B 159 -8.45 14.87 33.08
N ARG B 160 -8.27 14.00 32.09
CA ARG B 160 -9.10 13.94 30.90
C ARG B 160 -9.70 12.54 30.77
N GLN B 161 -11.02 12.50 30.54
CA GLN B 161 -11.73 11.23 30.42
C GLN B 161 -12.66 11.15 29.21
N ASN B 162 -13.06 12.28 28.64
CA ASN B 162 -13.94 12.31 27.48
C ASN B 162 -13.11 12.27 26.20
N GLY B 163 -13.45 11.35 25.30
CA GLY B 163 -12.72 11.18 24.06
C GLY B 163 -11.65 10.11 24.09
N VAL B 164 -11.48 9.42 25.21
CA VAL B 164 -10.48 8.37 25.34
C VAL B 164 -11.08 7.02 24.99
N LEU B 165 -10.37 6.24 24.18
CA LEU B 165 -10.79 4.90 23.79
C LEU B 165 -9.65 3.93 24.05
N ASN B 166 -10.00 2.74 24.52
CA ASN B 166 -9.00 1.76 24.93
C ASN B 166 -9.22 0.45 24.19
N SER B 167 -8.14 -0.35 24.14
CA SER B 167 -8.12 -1.65 23.50
C SER B 167 -7.08 -2.50 24.21
N TRP B 168 -7.45 -3.73 24.54
CA TRP B 168 -6.56 -4.64 25.25
C TRP B 168 -6.34 -5.89 24.41
N THR B 169 -5.12 -6.43 24.49
CA THR B 169 -4.79 -7.70 23.87
C THR B 169 -4.91 -8.82 24.89
N ASP B 170 -5.05 -10.04 24.36
CA ASP B 170 -4.95 -11.24 25.18
C ASP B 170 -3.50 -11.52 25.53
N GLN B 171 -3.30 -12.50 26.41
CA GLN B 171 -1.95 -12.82 26.88
C GLN B 171 -1.06 -13.26 25.73
N ASP B 172 0.17 -12.74 25.73
CA ASP B 172 1.14 -13.06 24.69
C ASP B 172 1.65 -14.50 24.84
N SER B 173 1.79 -15.18 23.71
CA SER B 173 2.17 -16.60 23.72
C SER B 173 3.65 -16.84 23.95
N LYS B 174 4.50 -15.80 23.90
CA LYS B 174 5.94 -15.97 24.03
C LYS B 174 6.48 -15.53 25.38
N ASP B 175 5.97 -14.43 25.95
CA ASP B 175 6.48 -13.92 27.22
C ASP B 175 5.38 -13.71 28.26
N SER B 176 4.15 -14.14 27.98
CA SER B 176 3.05 -14.13 28.95
C SER B 176 2.79 -12.73 29.51
N THR B 177 2.92 -11.71 28.66
CA THR B 177 2.64 -10.34 29.06
C THR B 177 1.36 -9.87 28.39
N TYR B 178 0.86 -8.74 28.88
CA TYR B 178 -0.31 -8.09 28.32
C TYR B 178 0.06 -6.71 27.79
N SER B 179 -0.73 -6.23 26.83
CA SER B 179 -0.55 -4.92 26.23
C SER B 179 -1.91 -4.26 26.03
N MET B 180 -1.89 -2.93 26.06
CA MET B 180 -3.09 -2.11 26.00
C MET B 180 -2.83 -0.96 25.04
N SER B 181 -3.89 -0.37 24.50
CA SER B 181 -3.78 0.83 23.68
C SER B 181 -4.76 1.87 24.16
N SER B 182 -4.30 3.11 24.31
CA SER B 182 -5.15 4.23 24.72
C SER B 182 -4.99 5.36 23.70
N THR B 183 -6.11 5.77 23.11
CA THR B 183 -6.13 6.82 22.09
C THR B 183 -7.07 7.92 22.56
N LEU B 184 -6.56 9.14 22.62
CA LEU B 184 -7.35 10.33 22.93
C LEU B 184 -7.63 11.05 21.62
N THR B 185 -8.90 11.18 21.27
CA THR B 185 -9.29 11.80 20.01
C THR B 185 -9.91 13.15 20.30
N LEU B 186 -9.29 14.20 19.77
CA LEU B 186 -9.80 15.56 19.84
C LEU B 186 -9.90 16.15 18.44
N THR B 187 -10.44 17.36 18.39
CA THR B 187 -10.50 18.12 17.15
C THR B 187 -9.18 18.83 16.92
N LYS B 188 -8.89 19.12 15.64
CA LYS B 188 -7.73 19.95 15.33
C LYS B 188 -7.86 21.32 15.98
N ASP B 189 -9.10 21.75 16.25
CA ASP B 189 -9.31 23.00 16.98
C ASP B 189 -8.94 22.86 18.46
N GLU B 190 -9.21 21.70 19.08
CA GLU B 190 -8.99 21.54 20.52
C GLU B 190 -7.55 21.21 20.91
N TYR B 191 -6.81 20.48 20.08
CA TYR B 191 -5.45 20.07 20.44
C TYR B 191 -4.52 21.28 20.57
N GLU B 192 -4.72 22.32 19.73
CA GLU B 192 -3.86 23.50 19.67
C GLU B 192 -4.03 24.44 20.86
N ARG B 193 -5.07 24.27 21.69
CA ARG B 193 -5.30 25.17 22.82
C ARG B 193 -4.65 24.68 24.10
N HIS B 194 -3.79 23.65 24.02
CA HIS B 194 -3.10 23.12 25.18
C HIS B 194 -1.67 22.76 24.79
N ASN B 195 -0.82 22.68 25.80
CA ASN B 195 0.61 22.47 25.61
C ASN B 195 1.10 21.14 26.16
N SER B 196 0.65 20.74 27.36
CA SER B 196 1.13 19.52 28.00
C SER B 196 0.10 18.39 27.83
N TYR B 197 0.57 17.24 27.39
CA TYR B 197 -0.24 16.03 27.27
C TYR B 197 0.51 14.86 27.89
N THR B 198 -0.16 14.16 28.82
CA THR B 198 0.46 13.10 29.61
C THR B 198 -0.44 11.87 29.60
N CYS B 199 0.18 10.70 29.43
CA CYS B 199 -0.51 9.43 29.65
C CYS B 199 0.21 8.69 30.77
N GLU B 200 -0.55 8.28 31.78
CA GLU B 200 -0.01 7.68 32.99
C GLU B 200 -0.56 6.27 33.18
N ALA B 201 0.28 5.40 33.72
CA ALA B 201 -0.05 4.01 33.95
C ALA B 201 0.05 3.70 35.43
N THR B 202 -1.06 3.23 36.01
CA THR B 202 -1.09 2.76 37.38
C THR B 202 -1.11 1.24 37.35
N HIS B 203 -0.13 0.63 38.01
CA HIS B 203 0.08 -0.81 37.94
C HIS B 203 0.54 -1.32 39.31
N LYS B 204 0.49 -2.64 39.48
CA LYS B 204 0.96 -3.27 40.72
C LYS B 204 2.48 -3.18 40.87
N THR B 205 3.20 -2.71 39.85
CA THR B 205 4.65 -2.60 39.97
C THR B 205 5.07 -1.43 40.86
N SER B 206 4.32 -0.34 40.84
CA SER B 206 4.70 0.89 41.53
C SER B 206 3.53 1.43 42.34
N THR B 207 3.87 2.17 43.40
CA THR B 207 2.85 2.87 44.17
C THR B 207 2.29 4.04 43.38
N SER B 208 3.18 4.84 42.74
CA SER B 208 2.98 6.01 41.92
C SER B 208 3.03 5.66 40.44
N PRO B 209 2.32 6.41 39.59
CA PRO B 209 2.21 6.01 38.19
C PRO B 209 3.52 6.16 37.43
N ILE B 210 3.55 5.58 36.23
CA ILE B 210 4.65 5.71 35.29
C ILE B 210 4.18 6.63 34.16
N VAL B 211 4.90 7.73 33.93
CA VAL B 211 4.42 8.83 33.11
C VAL B 211 5.32 9.03 31.91
N LYS B 212 4.71 9.19 30.73
CA LYS B 212 5.37 9.61 29.51
C LYS B 212 4.57 10.76 28.93
N SER B 213 5.21 11.89 28.69
CA SER B 213 4.50 13.10 28.30
C SER B 213 5.26 13.84 27.21
N PHE B 214 4.61 14.87 26.67
CA PHE B 214 5.22 15.73 25.67
C PHE B 214 4.52 17.08 25.70
N ASN B 215 5.27 18.12 25.32
CA ASN B 215 4.78 19.48 25.23
C ASN B 215 4.85 19.92 23.78
N ARG B 216 3.74 20.46 23.28
CA ARG B 216 3.63 20.83 21.87
C ARG B 216 4.53 22.02 21.56
N GLN C 1 24.78 -1.27 -14.32
CA GLN C 1 24.45 -1.94 -13.05
C GLN C 1 24.72 -1.03 -11.85
N VAL C 2 25.47 0.06 -12.07
CA VAL C 2 25.57 1.11 -11.07
C VAL C 2 24.17 1.51 -10.66
N GLN C 3 23.92 1.57 -9.36
CA GLN C 3 22.61 1.95 -8.85
C GLN C 3 22.72 3.17 -7.95
N LEU C 4 21.90 4.17 -8.24
CA LEU C 4 21.85 5.40 -7.46
C LEU C 4 20.42 5.57 -6.96
N GLN C 5 20.26 5.60 -5.64
CA GLN C 5 18.94 5.76 -5.04
C GLN C 5 18.78 7.16 -4.47
N GLN C 6 17.78 7.88 -4.96
CA GLN C 6 17.47 9.24 -4.56
C GLN C 6 16.04 9.27 -4.05
N SER C 7 15.79 10.08 -3.03
CA SER C 7 14.42 10.25 -2.56
C SER C 7 13.58 10.86 -3.68
N GLY C 8 12.31 10.49 -3.73
CA GLY C 8 11.44 11.03 -4.77
C GLY C 8 11.14 12.52 -4.61
N ALA C 9 11.09 13.02 -3.38
CA ALA C 9 10.69 14.42 -3.20
C ALA C 9 11.18 14.98 -1.89
N GLU C 10 11.49 16.27 -1.88
CA GLU C 10 11.89 16.97 -0.67
C GLU C 10 11.15 18.31 -0.59
N LEU C 11 10.75 18.69 0.62
CA LEU C 11 10.07 19.97 0.86
C LEU C 11 10.91 20.81 1.80
N ALA C 12 11.23 22.04 1.37
CA ALA C 12 11.99 22.96 2.19
C ALA C 12 11.41 24.37 2.05
N LYS C 13 11.75 25.23 3.01
CA LYS C 13 11.20 26.56 3.08
C LYS C 13 12.17 27.59 2.50
N PRO C 14 11.64 28.68 1.95
CA PRO C 14 12.51 29.75 1.46
C PRO C 14 13.42 30.25 2.58
N GLY C 15 14.69 30.45 2.24
CA GLY C 15 15.68 30.90 3.18
C GLY C 15 16.37 29.78 3.94
N ALA C 16 15.80 28.59 3.92
CA ALA C 16 16.38 27.48 4.67
C ALA C 16 17.43 26.79 3.80
N SER C 17 18.10 25.81 4.40
CA SER C 17 18.99 24.91 3.69
C SER C 17 18.38 23.52 3.68
N VAL C 18 18.85 22.68 2.76
CA VAL C 18 18.36 21.32 2.63
C VAL C 18 19.52 20.46 2.14
N ILE C 19 19.48 19.18 2.52
CA ILE C 19 20.50 18.22 2.13
C ILE C 19 19.80 17.08 1.42
N LEU C 20 20.05 16.91 0.12
CA LEU C 20 19.58 15.74 -0.58
C LEU C 20 20.68 14.69 -0.63
N SER C 21 20.26 13.44 -0.75
CA SER C 21 21.16 12.31 -0.64
C SER C 21 21.07 11.46 -1.89
N CYS C 22 22.21 10.88 -2.25
CA CYS C 22 22.34 9.95 -3.36
C CYS C 22 23.11 8.76 -2.83
N LYS C 23 22.45 7.61 -2.76
CA LYS C 23 23.03 6.44 -2.13
C LYS C 23 23.45 5.48 -3.23
N ALA C 24 24.69 5.04 -3.14
CA ALA C 24 25.29 4.20 -4.17
C ALA C 24 25.30 2.76 -3.69
N SER C 25 24.80 1.86 -4.53
CA SER C 25 24.80 0.44 -4.22
C SER C 25 25.20 -0.35 -5.47
N ASP C 26 25.71 -1.56 -5.22
CA ASP C 26 26.10 -2.53 -6.25
C ASP C 26 27.28 -2.07 -7.11
N TYR C 27 28.13 -1.19 -6.59
CA TYR C 27 29.36 -0.80 -7.26
C TYR C 27 30.25 -0.11 -6.24
N THR C 28 31.55 -0.03 -6.56
CA THR C 28 32.50 0.63 -5.67
C THR C 28 32.30 2.14 -5.71
N PHE C 29 31.80 2.70 -4.61
CA PHE C 29 31.46 4.12 -4.51
C PHE C 29 32.66 5.02 -4.75
N THR C 30 33.85 4.56 -4.33
CA THR C 30 35.11 5.28 -4.41
C THR C 30 35.70 5.30 -5.82
N ARG C 31 35.19 4.46 -6.71
CA ARG C 31 35.84 4.23 -8.00
C ARG C 31 35.58 5.35 -8.99
N TYR C 32 34.37 5.91 -8.99
CA TYR C 32 33.89 6.81 -10.02
C TYR C 32 33.57 8.21 -9.49
N TRP C 33 33.73 9.21 -10.36
CA TRP C 33 33.25 10.54 -10.07
C TRP C 33 31.73 10.53 -10.02
N MET C 34 31.18 11.42 -9.18
CA MET C 34 29.73 11.58 -9.03
C MET C 34 29.40 13.00 -9.48
N ASN C 35 28.47 13.12 -10.42
CA ASN C 35 28.04 14.41 -10.94
C ASN C 35 26.66 14.77 -10.36
N TRP C 36 26.43 16.07 -10.19
CA TRP C 36 25.15 16.59 -9.75
C TRP C 36 24.63 17.57 -10.79
N VAL C 37 23.40 17.35 -11.25
CA VAL C 37 22.76 18.24 -12.22
C VAL C 37 21.35 18.58 -11.74
N ARG C 38 20.86 19.73 -12.19
CA ARG C 38 19.56 20.23 -11.84
C ARG C 38 18.76 20.48 -13.12
N GLN C 39 17.46 20.17 -13.06
CA GLN C 39 16.54 20.46 -14.16
C GLN C 39 15.32 21.21 -13.60
N ARG C 40 15.21 22.50 -13.91
CA ARG C 40 14.06 23.29 -13.48
C ARG C 40 12.85 22.99 -14.37
N PRO C 41 11.65 23.12 -13.83
CA PRO C 41 10.44 22.69 -14.57
C PRO C 41 10.34 23.35 -15.95
N GLY C 42 10.26 22.51 -16.99
CA GLY C 42 10.20 22.99 -18.35
C GLY C 42 11.54 23.40 -18.93
N GLN C 43 12.58 23.52 -18.12
CA GLN C 43 13.88 23.97 -18.57
C GLN C 43 14.75 22.77 -18.98
N GLY C 44 15.98 23.07 -19.36
CA GLY C 44 16.97 22.06 -19.67
C GLY C 44 17.75 21.66 -18.45
N LEU C 45 18.90 21.04 -18.70
CA LEU C 45 19.74 20.48 -17.66
C LEU C 45 20.94 21.38 -17.41
N GLU C 46 21.40 21.39 -16.16
CA GLU C 46 22.47 22.29 -15.75
C GLU C 46 23.39 21.57 -14.77
N CYS C 47 24.69 21.63 -15.03
CA CYS C 47 25.64 20.94 -14.17
C CYS C 47 25.96 21.78 -12.94
N ILE C 48 25.88 21.16 -11.77
CA ILE C 48 26.17 21.81 -10.50
C ILE C 48 27.62 21.66 -10.13
N GLY C 49 28.14 20.45 -10.30
CA GLY C 49 29.50 20.12 -9.93
C GLY C 49 29.66 18.61 -9.87
N TYR C 50 30.85 18.20 -9.46
CA TYR C 50 31.14 16.79 -9.31
C TYR C 50 32.12 16.61 -8.17
N ILE C 51 32.15 15.39 -7.64
CA ILE C 51 32.97 15.08 -6.48
C ILE C 51 33.64 13.74 -6.73
N ASP C 52 34.86 13.61 -6.19
CA ASP C 52 35.54 12.33 -6.12
C ASP C 52 35.29 11.74 -4.75
N PRO C 53 34.49 10.67 -4.63
CA PRO C 53 34.09 10.16 -3.32
C PRO C 53 35.19 9.48 -2.53
N GLY C 54 36.38 9.29 -3.11
CA GLY C 54 37.40 8.56 -2.39
C GLY C 54 38.23 9.48 -1.52
N ASN C 55 38.30 10.76 -1.90
CA ASN C 55 39.03 11.75 -1.13
C ASN C 55 38.22 12.99 -0.79
N GLY C 56 37.00 13.14 -1.33
CA GLY C 56 36.23 14.35 -1.12
C GLY C 56 36.61 15.52 -1.99
N TYR C 57 37.39 15.29 -3.05
CA TYR C 57 37.76 16.38 -3.93
C TYR C 57 36.55 16.83 -4.75
N THR C 58 36.36 18.14 -4.81
CA THR C 58 35.18 18.75 -5.42
C THR C 58 35.61 19.85 -6.37
N LYS C 59 34.85 20.00 -7.44
CA LYS C 59 34.90 21.15 -8.32
C LYS C 59 33.47 21.56 -8.61
N TYR C 60 33.20 22.87 -8.50
CA TYR C 60 31.85 23.39 -8.63
C TYR C 60 31.74 24.24 -9.88
N ASN C 61 30.56 24.20 -10.49
CA ASN C 61 30.15 25.24 -11.41
C ASN C 61 30.04 26.53 -10.60
N GLN C 62 30.69 27.60 -11.07
CA GLN C 62 30.79 28.79 -10.23
C GLN C 62 29.43 29.40 -9.92
N LYS C 63 28.42 29.15 -10.75
CA LYS C 63 27.06 29.61 -10.47
C LYS C 63 26.53 29.04 -9.15
N PHE C 64 26.99 27.86 -8.74
CA PHE C 64 26.53 27.25 -7.50
C PHE C 64 27.61 27.27 -6.43
N LYS C 65 28.59 28.17 -6.55
CA LYS C 65 29.81 28.04 -5.77
C LYS C 65 29.53 28.12 -4.27
N ASP C 66 29.01 29.26 -3.84
CA ASP C 66 28.77 29.44 -2.40
C ASP C 66 27.45 28.83 -1.96
N LYS C 67 26.54 28.58 -2.91
CA LYS C 67 25.20 28.11 -2.58
C LYS C 67 25.16 26.60 -2.33
N ALA C 68 26.02 25.83 -2.99
CA ALA C 68 25.96 24.39 -2.95
C ALA C 68 27.25 23.82 -2.37
N THR C 69 27.11 22.69 -1.68
CA THR C 69 28.24 21.99 -1.07
C THR C 69 28.02 20.50 -1.23
N MET C 70 28.96 19.83 -1.90
CA MET C 70 28.92 18.38 -2.12
C MET C 70 29.87 17.71 -1.14
N THR C 71 29.39 16.62 -0.53
CA THR C 71 30.16 15.80 0.39
C THR C 71 29.91 14.35 0.04
N ALA C 72 30.80 13.48 0.53
CA ALA C 72 30.69 12.04 0.29
C ALA C 72 31.02 11.31 1.59
N ASP C 73 30.15 10.37 1.96
CA ASP C 73 30.37 9.53 3.14
C ASP C 73 30.63 8.11 2.68
N LYS C 74 31.88 7.66 2.82
CA LYS C 74 32.23 6.33 2.30
C LYS C 74 31.63 5.20 3.14
N SER C 75 31.39 5.45 4.43
CA SER C 75 30.88 4.40 5.30
C SER C 75 29.48 3.95 4.87
N SER C 76 28.64 4.91 4.45
CA SER C 76 27.30 4.62 3.96
C SER C 76 27.22 4.58 2.44
N SER C 77 28.32 4.85 1.74
CA SER C 77 28.34 4.89 0.28
C SER C 77 27.26 5.85 -0.22
N THR C 78 27.25 7.04 0.36
CA THR C 78 26.20 8.02 0.10
C THR C 78 26.83 9.37 -0.19
N ALA C 79 26.42 9.98 -1.29
CA ALA C 79 26.81 11.33 -1.64
C ALA C 79 25.71 12.32 -1.21
N TYR C 80 26.15 13.52 -0.82
CA TYR C 80 25.26 14.56 -0.30
C TYR C 80 25.46 15.87 -1.04
N LEU C 81 24.36 16.57 -1.28
CA LEU C 81 24.36 17.90 -1.91
C LEU C 81 23.63 18.85 -0.97
N GLN C 82 24.36 19.80 -0.40
CA GLN C 82 23.79 20.82 0.47
C GLN C 82 23.47 22.07 -0.34
N LEU C 83 22.22 22.52 -0.28
CA LEU C 83 21.77 23.75 -0.93
C LEU C 83 21.38 24.76 0.15
N ARG C 84 22.00 25.94 0.13
CA ARG C 84 21.77 27.00 1.10
C ARG C 84 20.84 28.07 0.56
N SER C 85 20.29 28.85 1.49
CA SER C 85 19.52 30.07 1.20
C SER C 85 18.53 29.84 0.07
N LEU C 86 17.64 28.88 0.28
CA LEU C 86 16.79 28.42 -0.81
C LEU C 86 15.85 29.53 -1.30
N THR C 87 15.62 29.54 -2.61
CA THR C 87 14.71 30.45 -3.27
C THR C 87 13.78 29.63 -4.15
N TYR C 88 12.74 30.28 -4.69
CA TYR C 88 11.83 29.63 -5.63
C TYR C 88 12.56 29.16 -6.88
N GLU C 89 13.72 29.76 -7.17
CA GLU C 89 14.51 29.38 -8.33
C GLU C 89 15.11 27.98 -8.15
N ASP C 90 15.23 27.51 -6.90
CA ASP C 90 15.80 26.21 -6.60
C ASP C 90 14.82 25.06 -6.68
N SER C 91 13.53 25.34 -6.88
CA SER C 91 12.55 24.28 -7.11
C SER C 91 12.86 23.60 -8.44
N ALA C 92 13.29 22.35 -8.37
CA ALA C 92 13.73 21.64 -9.57
C ALA C 92 13.92 20.16 -9.23
N VAL C 93 14.21 19.36 -10.25
CA VAL C 93 14.64 17.99 -10.06
C VAL C 93 16.16 17.99 -10.03
N TYR C 94 16.73 17.40 -8.98
CA TYR C 94 18.17 17.31 -8.81
C TYR C 94 18.57 15.86 -9.01
N TYR C 95 19.51 15.64 -9.93
CA TYR C 95 19.98 14.29 -10.24
C TYR C 95 21.42 14.11 -9.78
N CYS C 96 21.70 12.89 -9.33
CA CYS C 96 23.06 12.40 -9.20
C CYS C 96 23.28 11.42 -10.33
N ALA C 97 24.51 11.36 -10.84
CA ALA C 97 24.87 10.53 -11.98
C ALA C 97 26.32 10.09 -11.84
N SER C 98 26.59 8.82 -12.13
CA SER C 98 27.95 8.30 -12.02
C SER C 98 28.16 7.19 -13.04
N GLY C 99 29.28 6.50 -12.89
CA GLY C 99 29.66 5.45 -13.81
C GLY C 99 31.07 5.67 -14.35
N TYR C 100 31.68 4.59 -14.85
CA TYR C 100 32.96 4.74 -15.52
C TYR C 100 32.84 5.70 -16.70
N VAL C 101 31.82 5.50 -17.53
CA VAL C 101 31.44 6.48 -18.54
C VAL C 101 30.66 7.60 -17.86
N ALA C 102 31.10 8.84 -18.09
CA ALA C 102 30.47 9.98 -17.43
C ALA C 102 29.01 10.11 -17.85
N PHE C 103 28.15 10.31 -16.84
CA PHE C 103 26.71 10.49 -17.03
C PHE C 103 26.03 9.27 -17.62
N HIS C 104 26.61 8.09 -17.39
CA HIS C 104 26.01 6.87 -17.93
C HIS C 104 24.79 6.44 -17.12
N TYR C 105 24.91 6.42 -15.78
CA TYR C 105 23.85 5.94 -14.92
C TYR C 105 23.31 7.08 -14.05
N TRP C 106 21.99 7.21 -14.01
CA TRP C 106 21.32 8.32 -13.33
C TRP C 106 20.45 7.87 -12.17
N GLY C 107 20.43 8.69 -11.13
CA GLY C 107 19.41 8.52 -10.12
C GLY C 107 18.07 8.90 -10.71
N GLN C 108 17.02 8.58 -9.97
CA GLN C 108 15.66 8.85 -10.45
C GLN C 108 15.34 10.34 -10.47
N GLY C 109 16.00 11.13 -9.61
CA GLY C 109 15.67 12.53 -9.57
C GLY C 109 14.93 12.84 -8.29
N THR C 110 15.44 13.76 -7.48
CA THR C 110 14.74 14.23 -6.28
C THR C 110 14.05 15.55 -6.62
N THR C 111 12.71 15.54 -6.61
CA THR C 111 11.96 16.77 -6.85
C THR C 111 11.99 17.62 -5.58
N LEU C 112 12.65 18.77 -5.65
CA LEU C 112 12.76 19.68 -4.53
C LEU C 112 11.81 20.85 -4.80
N THR C 113 10.90 21.13 -3.86
CA THR C 113 10.06 22.31 -3.96
C THR C 113 10.27 23.17 -2.73
N VAL C 114 10.52 24.45 -2.95
CA VAL C 114 10.74 25.37 -1.85
C VAL C 114 9.45 26.18 -1.71
N SER C 115 8.71 25.84 -0.67
CA SER C 115 7.41 26.44 -0.39
C SER C 115 7.21 26.43 1.11
N SER C 116 6.39 27.38 1.57
CA SER C 116 5.98 27.42 2.97
C SER C 116 4.80 26.52 3.25
N ALA C 117 4.23 25.89 2.22
CA ALA C 117 3.08 25.02 2.38
C ALA C 117 3.51 23.64 2.85
N LYS C 118 2.61 23.00 3.60
CA LYS C 118 2.83 21.74 4.28
C LYS C 118 2.47 20.56 3.38
N THR C 119 3.19 19.46 3.57
CA THR C 119 2.91 18.25 2.80
C THR C 119 1.58 17.64 3.22
N THR C 120 0.74 17.30 2.23
CA THR C 120 -0.59 16.75 2.46
C THR C 120 -0.73 15.49 1.62
N PRO C 121 -1.21 14.38 2.19
CA PRO C 121 -1.31 13.14 1.42
C PRO C 121 -2.47 13.21 0.45
N PRO C 122 -2.46 12.38 -0.59
CA PRO C 122 -3.56 12.35 -1.55
C PRO C 122 -4.68 11.39 -1.15
N SER C 123 -5.85 11.65 -1.72
CA SER C 123 -6.96 10.71 -1.71
C SER C 123 -7.00 10.02 -3.07
N VAL C 124 -7.01 8.68 -3.06
CA VAL C 124 -7.01 7.86 -4.26
C VAL C 124 -8.40 7.31 -4.47
N TYR C 125 -8.99 7.59 -5.64
CA TYR C 125 -10.35 7.18 -5.96
C TYR C 125 -10.37 6.27 -7.18
N PRO C 126 -11.13 5.17 -7.15
CA PRO C 126 -11.19 4.27 -8.30
C PRO C 126 -12.24 4.68 -9.32
N LEU C 127 -11.92 4.45 -10.59
CA LEU C 127 -12.79 4.75 -11.73
C LEU C 127 -13.01 3.46 -12.52
N ALA C 128 -14.04 2.70 -12.13
CA ALA C 128 -14.40 1.43 -12.76
C ALA C 128 -15.32 1.52 -13.98
N PRO C 129 -16.44 2.29 -13.91
CA PRO C 129 -17.40 2.24 -15.04
C PRO C 129 -16.84 2.72 -16.36
N SER C 137 -15.23 -4.13 -26.17
CA SER C 137 -13.80 -4.35 -26.41
C SER C 137 -12.98 -3.13 -26.00
N MET C 138 -11.84 -3.39 -25.36
CA MET C 138 -10.89 -2.36 -24.93
C MET C 138 -11.59 -1.35 -24.00
N VAL C 139 -11.88 -1.82 -22.80
CA VAL C 139 -12.54 -1.01 -21.78
C VAL C 139 -11.51 -0.13 -21.06
N THR C 140 -11.95 1.03 -20.61
CA THR C 140 -11.07 2.02 -19.99
C THR C 140 -11.33 2.12 -18.49
N LEU C 141 -10.26 1.97 -17.70
CA LEU C 141 -10.28 2.11 -16.25
C LEU C 141 -9.35 3.25 -15.84
N GLY C 142 -9.38 3.59 -14.55
CA GLY C 142 -8.54 4.68 -14.09
C GLY C 142 -8.50 4.79 -12.58
N CYS C 143 -7.64 5.71 -12.12
CA CYS C 143 -7.54 6.06 -10.71
C CYS C 143 -7.35 7.57 -10.60
N LEU C 144 -8.11 8.19 -9.70
CA LEU C 144 -8.07 9.63 -9.47
C LEU C 144 -7.29 9.94 -8.19
N VAL C 145 -6.26 10.78 -8.32
CA VAL C 145 -5.37 11.15 -7.22
C VAL C 145 -5.58 12.63 -6.92
N LYS C 146 -6.19 12.93 -5.78
CA LYS C 146 -6.70 14.27 -5.50
C LYS C 146 -6.13 14.86 -4.22
N GLY C 147 -5.76 16.13 -4.28
CA GLY C 147 -5.46 16.93 -3.10
C GLY C 147 -4.16 16.65 -2.38
N TYR C 148 -3.06 16.47 -3.11
CA TYR C 148 -1.76 16.22 -2.50
C TYR C 148 -0.80 17.39 -2.73
N PHE C 149 0.25 17.41 -1.90
CA PHE C 149 1.32 18.41 -1.96
C PHE C 149 2.51 17.91 -1.14
N PRO C 150 3.75 18.06 -1.62
CA PRO C 150 4.08 18.56 -2.96
C PRO C 150 4.10 17.46 -4.02
N GLU C 151 4.53 17.83 -5.22
CA GLU C 151 4.79 16.85 -6.27
C GLU C 151 6.03 16.04 -5.92
N PRO C 152 6.20 14.84 -6.52
CA PRO C 152 5.31 14.16 -7.47
C PRO C 152 4.48 13.04 -6.90
N VAL C 153 3.56 12.56 -7.74
CA VAL C 153 2.86 11.29 -7.54
C VAL C 153 3.14 10.42 -8.75
N THR C 154 3.56 9.19 -8.49
CA THR C 154 3.83 8.21 -9.54
C THR C 154 2.74 7.14 -9.52
N VAL C 155 2.18 6.83 -10.69
CA VAL C 155 1.12 5.85 -10.83
C VAL C 155 1.61 4.71 -11.71
N THR C 156 1.46 3.48 -11.23
CA THR C 156 1.71 2.28 -12.02
C THR C 156 0.47 1.40 -11.98
N TRP C 157 0.43 0.42 -12.89
CA TRP C 157 -0.66 -0.53 -12.98
C TRP C 157 -0.11 -1.95 -12.92
N ASN C 158 -0.56 -2.72 -11.93
CA ASN C 158 -0.09 -4.09 -11.69
C ASN C 158 1.43 -4.13 -11.58
N SER C 159 1.97 -3.17 -10.82
CA SER C 159 3.41 -3.12 -10.50
C SER C 159 4.26 -3.09 -11.77
N GLY C 160 3.80 -2.34 -12.78
CA GLY C 160 4.55 -2.17 -14.01
C GLY C 160 4.30 -3.22 -15.07
N SER C 161 3.54 -4.26 -14.77
CA SER C 161 3.29 -5.31 -15.76
C SER C 161 2.42 -4.81 -16.91
N LEU C 162 1.54 -3.85 -16.66
CA LEU C 162 0.61 -3.32 -17.66
C LEU C 162 1.11 -2.01 -18.26
N SER C 163 2.35 -1.99 -18.75
CA SER C 163 2.92 -0.75 -19.26
C SER C 163 2.27 -0.26 -20.54
N SER C 164 1.67 -1.16 -21.33
CA SER C 164 0.92 -0.76 -22.51
C SER C 164 -0.47 -0.29 -22.13
N GLY C 165 -0.93 0.75 -22.82
CA GLY C 165 -2.28 1.23 -22.60
C GLY C 165 -2.50 2.10 -21.39
N VAL C 166 -1.43 2.63 -20.80
CA VAL C 166 -1.53 3.50 -19.63
C VAL C 166 -1.31 4.94 -20.05
N HIS C 167 -2.13 5.85 -19.50
CA HIS C 167 -1.97 7.29 -19.71
C HIS C 167 -2.08 7.96 -18.35
N THR C 168 -0.93 8.31 -17.78
CA THR C 168 -0.87 9.06 -16.53
C THR C 168 -0.70 10.54 -16.88
N PHE C 169 -1.72 11.36 -16.53
CA PHE C 169 -1.72 12.75 -16.98
C PHE C 169 -0.96 13.66 -16.01
N PRO C 170 -0.39 14.74 -16.53
CA PRO C 170 0.31 15.69 -15.65
C PRO C 170 -0.64 16.30 -14.62
N ALA C 171 -0.08 16.64 -13.46
CA ALA C 171 -0.88 17.16 -12.38
C ALA C 171 -1.34 18.59 -12.68
N VAL C 172 -2.47 18.95 -12.09
CA VAL C 172 -2.99 20.31 -12.14
C VAL C 172 -3.04 20.85 -10.70
N LEU C 173 -2.79 22.14 -10.56
CA LEU C 173 -2.74 22.77 -9.25
C LEU C 173 -4.06 23.49 -8.99
N GLN C 174 -4.67 23.22 -7.85
CA GLN C 174 -6.00 23.71 -7.55
C GLN C 174 -6.17 23.77 -6.04
N SER C 175 -6.52 24.95 -5.53
CA SER C 175 -6.62 25.19 -4.09
C SER C 175 -5.32 24.81 -3.38
N ASP C 176 -4.20 25.19 -4.01
CA ASP C 176 -2.85 25.01 -3.46
C ASP C 176 -2.50 23.54 -3.25
N LEU C 177 -3.28 22.65 -3.86
CA LEU C 177 -3.07 21.21 -3.84
C LEU C 177 -3.09 20.69 -5.27
N TYR C 178 -2.37 19.59 -5.49
CA TYR C 178 -2.28 18.99 -6.80
C TYR C 178 -3.31 17.88 -6.96
N THR C 179 -3.75 17.69 -8.20
CA THR C 179 -4.67 16.60 -8.55
C THR C 179 -4.21 15.99 -9.86
N LEU C 180 -4.17 14.66 -9.91
CA LEU C 180 -3.67 13.90 -11.03
C LEU C 180 -4.66 12.77 -11.33
N SER C 181 -4.69 12.36 -12.59
CA SER C 181 -5.51 11.24 -13.03
C SER C 181 -4.71 10.35 -13.97
N SER C 182 -4.94 9.04 -13.87
CA SER C 182 -4.34 8.06 -14.77
C SER C 182 -5.41 7.12 -15.28
N SER C 183 -5.24 6.65 -16.51
CA SER C 183 -6.20 5.75 -17.14
C SER C 183 -5.46 4.59 -17.79
N VAL C 184 -6.12 3.43 -17.85
CA VAL C 184 -5.56 2.21 -18.43
C VAL C 184 -6.64 1.50 -19.24
N THR C 185 -6.24 0.89 -20.35
CA THR C 185 -7.15 0.19 -21.25
C THR C 185 -6.59 -1.17 -21.63
N VAL C 186 -7.38 -2.22 -21.40
CA VAL C 186 -7.04 -3.61 -21.74
C VAL C 186 -8.26 -4.19 -22.45
N PRO C 187 -8.17 -5.35 -23.11
CA PRO C 187 -9.35 -5.89 -23.78
C PRO C 187 -10.49 -6.19 -22.81
N SER C 188 -11.70 -6.26 -23.37
CA SER C 188 -12.89 -6.54 -22.57
C SER C 188 -12.95 -7.99 -22.08
N SER C 189 -12.24 -8.93 -22.74
CA SER C 189 -12.28 -10.31 -22.27
C SER C 189 -11.66 -10.45 -20.89
N PRO C 190 -10.48 -9.92 -20.59
CA PRO C 190 -10.00 -9.88 -19.21
C PRO C 190 -10.75 -8.76 -18.49
N ARG C 191 -10.43 -8.58 -17.20
CA ARG C 191 -11.12 -7.58 -16.40
C ARG C 191 -12.63 -7.80 -16.45
N PRO C 192 -13.18 -8.63 -15.55
CA PRO C 192 -12.50 -9.01 -14.30
C PRO C 192 -11.78 -10.35 -14.22
N SER C 193 -11.73 -11.14 -15.31
CA SER C 193 -11.09 -12.45 -15.22
C SER C 193 -9.63 -12.33 -14.78
N GLU C 194 -8.93 -11.29 -15.25
CA GLU C 194 -7.57 -11.03 -14.83
C GLU C 194 -7.52 -9.68 -14.10
N THR C 195 -6.71 -9.62 -13.04
CA THR C 195 -6.73 -8.49 -12.13
C THR C 195 -6.02 -7.27 -12.74
N VAL C 196 -6.51 -6.09 -12.38
CA VAL C 196 -5.90 -4.82 -12.72
C VAL C 196 -5.87 -3.95 -11.48
N THR C 197 -4.67 -3.58 -11.02
CA THR C 197 -4.52 -2.77 -9.82
C THR C 197 -3.70 -1.52 -10.13
N CYS C 198 -4.14 -0.38 -9.57
CA CYS C 198 -3.41 0.87 -9.70
C CYS C 198 -2.62 1.15 -8.42
N ASN C 199 -1.34 1.50 -8.60
CA ASN C 199 -0.43 1.79 -7.49
C ASN C 199 -0.04 3.25 -7.53
N VAL C 200 -0.26 3.95 -6.42
CA VAL C 200 0.01 5.38 -6.30
C VAL C 200 1.05 5.59 -5.20
N ALA C 201 2.16 6.23 -5.56
CA ALA C 201 3.20 6.56 -4.61
C ALA C 201 3.30 8.07 -4.45
N HIS C 202 3.37 8.52 -3.20
CA HIS C 202 3.57 9.93 -2.88
C HIS C 202 4.73 10.06 -1.91
N PRO C 203 5.95 10.20 -2.44
CA PRO C 203 7.15 10.10 -1.57
C PRO C 203 7.20 11.14 -0.47
N ALA C 204 6.75 12.37 -0.74
CA ALA C 204 6.87 13.41 0.29
C ALA C 204 6.10 13.06 1.55
N SER C 205 4.98 12.34 1.42
CA SER C 205 4.22 11.89 2.59
C SER C 205 4.49 10.43 2.94
N SER C 206 5.48 9.80 2.29
CA SER C 206 5.85 8.41 2.56
C SER C 206 4.64 7.47 2.43
N THR C 207 3.83 7.72 1.42
CA THR C 207 2.60 6.98 1.20
C THR C 207 2.67 6.17 -0.10
N LYS C 208 2.22 4.92 -0.02
CA LYS C 208 1.95 4.06 -1.15
C LYS C 208 0.53 3.54 -0.99
N VAL C 209 -0.27 3.63 -2.04
CA VAL C 209 -1.67 3.20 -2.01
C VAL C 209 -1.95 2.34 -3.23
N ASP C 210 -2.60 1.19 -3.02
CA ASP C 210 -3.08 0.34 -4.09
C ASP C 210 -4.60 0.24 -3.94
N LYS C 211 -5.33 0.59 -5.00
CA LYS C 211 -6.79 0.56 -5.02
C LYS C 211 -7.20 -0.31 -6.21
N LYS C 212 -7.66 -1.52 -5.95
CA LYS C 212 -8.02 -2.42 -7.03
C LYS C 212 -9.34 -1.99 -7.68
N ILE C 213 -9.40 -2.12 -9.00
CA ILE C 213 -10.53 -1.63 -9.78
C ILE C 213 -11.62 -2.70 -9.84
N VAL C 214 -12.76 -2.41 -9.22
CA VAL C 214 -13.89 -3.33 -9.12
C VAL C 214 -15.16 -2.60 -9.56
N PRO C 215 -16.05 -3.25 -10.32
CA PRO C 215 -17.27 -2.58 -10.77
C PRO C 215 -18.10 -2.02 -9.63
N ARG C 216 -18.96 -1.06 -9.96
CA ARG C 216 -19.76 -0.38 -8.95
C ARG C 216 -20.97 -1.23 -8.54
N ASP C 217 -21.90 -1.44 -9.47
CA ASP C 217 -23.14 -2.19 -9.30
C ASP C 217 -23.63 -2.35 -7.85
N ASP D 1 32.31 30.13 -19.77
CA ASP D 1 31.97 28.74 -20.05
C ASP D 1 31.96 28.46 -21.55
N ILE D 2 32.12 27.20 -21.93
CA ILE D 2 31.85 26.82 -23.31
C ILE D 2 30.35 26.65 -23.46
N VAL D 3 29.79 27.30 -24.47
CA VAL D 3 28.34 27.28 -24.68
C VAL D 3 28.02 26.42 -25.89
N ILE D 4 26.89 25.70 -25.81
CA ILE D 4 26.43 24.79 -26.84
C ILE D 4 24.97 25.09 -27.16
N ILE D 5 24.63 25.09 -28.45
CA ILE D 5 23.28 25.42 -28.86
C ILE D 5 22.79 24.38 -29.86
N GLN D 6 21.49 24.14 -29.86
CA GLN D 6 20.90 23.14 -30.74
C GLN D 6 19.82 23.79 -31.60
N ASP D 7 19.59 23.20 -32.77
CA ASP D 7 18.57 23.65 -33.70
C ASP D 7 17.28 22.88 -33.45
N GLU D 8 16.22 23.31 -34.13
CA GLU D 8 14.89 22.74 -33.99
C GLU D 8 14.53 21.95 -35.24
N LEU D 9 13.63 20.98 -35.06
CA LEU D 9 13.09 20.21 -36.17
C LEU D 9 11.89 20.93 -36.78
N SER D 10 11.84 20.97 -38.11
CA SER D 10 10.86 21.81 -38.80
C SER D 10 9.42 21.42 -38.42
N ASN D 11 9.11 20.14 -38.53
CA ASN D 11 7.73 19.67 -38.35
C ASN D 11 7.80 18.23 -37.89
N PRO D 12 6.67 17.64 -37.51
CA PRO D 12 6.67 16.21 -37.16
C PRO D 12 7.23 15.37 -38.30
N VAL D 13 8.19 14.52 -37.96
CA VAL D 13 8.87 13.67 -38.92
C VAL D 13 8.04 12.42 -39.20
N THR D 14 8.24 11.84 -40.38
CA THR D 14 7.52 10.63 -40.77
C THR D 14 8.30 9.39 -40.35
N SER D 15 7.58 8.38 -39.85
CA SER D 15 8.23 7.14 -39.43
C SER D 15 8.89 6.44 -40.60
N GLY D 16 10.11 5.94 -40.37
CA GLY D 16 10.89 5.26 -41.38
C GLY D 16 11.97 6.11 -42.02
N GLU D 17 11.81 7.44 -42.02
CA GLU D 17 12.77 8.33 -42.63
C GLU D 17 13.96 8.56 -41.69
N SER D 18 14.95 9.30 -42.18
CA SER D 18 16.11 9.68 -41.38
C SER D 18 15.87 11.06 -40.75
N VAL D 19 16.42 11.25 -39.55
CA VAL D 19 16.34 12.51 -38.83
C VAL D 19 17.75 12.92 -38.43
N SER D 20 18.06 14.20 -38.59
CA SER D 20 19.34 14.77 -38.18
C SER D 20 19.08 15.85 -37.14
N ILE D 21 19.77 15.75 -36.00
CA ILE D 21 19.71 16.73 -34.92
C ILE D 21 21.08 17.35 -34.78
N SER D 22 21.15 18.68 -34.83
CA SER D 22 22.41 19.40 -34.93
C SER D 22 22.74 20.11 -33.62
N CYS D 23 24.04 20.24 -33.36
CA CYS D 23 24.54 20.83 -32.13
C CYS D 23 25.87 21.48 -32.46
N ARG D 24 26.09 22.70 -31.97
CA ARG D 24 27.37 23.37 -32.20
C ARG D 24 27.87 23.99 -30.91
N SER D 25 29.20 24.09 -30.81
CA SER D 25 29.88 24.57 -29.62
C SER D 25 30.63 25.85 -29.93
N SER D 26 30.75 26.70 -28.91
CA SER D 26 31.52 27.93 -28.98
C SER D 26 33.02 27.69 -29.00
N GLN D 27 33.46 26.43 -28.86
CA GLN D 27 34.87 26.08 -28.79
C GLN D 27 35.03 24.63 -29.19
N SER D 28 36.23 24.29 -29.67
CA SER D 28 36.50 22.91 -30.07
C SER D 28 36.40 21.98 -28.88
N LEU D 29 35.80 20.80 -29.12
CA LEU D 29 35.67 19.77 -28.09
C LEU D 29 36.71 18.65 -28.23
N LEU D 30 37.65 18.80 -29.17
CA LEU D 30 38.75 17.86 -29.34
C LEU D 30 39.79 18.12 -28.26
N TYR D 31 40.13 17.09 -27.50
CA TYR D 31 41.14 17.18 -26.44
C TYR D 31 42.48 16.67 -26.95
N LYS D 32 43.53 16.98 -26.20
CA LYS D 32 44.89 16.61 -26.58
C LYS D 32 45.13 15.12 -26.61
N ASP D 33 44.21 14.30 -26.10
CA ASP D 33 44.30 12.84 -26.22
C ASP D 33 43.66 12.34 -27.52
N GLY D 34 43.13 13.23 -28.36
CA GLY D 34 42.57 12.86 -29.64
C GLY D 34 41.13 12.44 -29.64
N LYS D 35 40.47 12.47 -28.49
CA LYS D 35 39.06 12.19 -28.38
C LYS D 35 38.27 13.51 -28.28
N THR D 36 37.04 13.49 -28.78
CA THR D 36 36.15 14.64 -28.77
C THR D 36 35.08 14.42 -27.70
N TYR D 37 35.03 15.33 -26.73
CA TYR D 37 34.21 15.13 -25.52
C TYR D 37 32.81 15.72 -25.70
N LEU D 38 31.91 14.91 -26.24
CA LEU D 38 30.52 15.30 -26.47
C LEU D 38 29.59 14.13 -26.25
N ASN D 39 28.54 14.34 -25.44
CA ASN D 39 27.51 13.35 -25.14
C ASN D 39 26.20 13.73 -25.82
N TRP D 40 25.41 12.70 -26.15
CA TRP D 40 24.05 12.84 -26.62
C TRP D 40 23.14 12.06 -25.68
N PHE D 41 22.05 12.69 -25.24
CA PHE D 41 21.06 12.07 -24.36
C PHE D 41 19.68 12.13 -25.00
N LEU D 42 18.83 11.17 -24.63
CA LEU D 42 17.40 11.21 -24.93
C LEU D 42 16.62 11.25 -23.61
N GLN D 43 15.82 12.28 -23.42
CA GLN D 43 15.00 12.41 -22.22
C GLN D 43 13.54 12.27 -22.61
N ARG D 44 12.87 11.31 -22.00
CA ARG D 44 11.45 11.08 -22.14
C ARG D 44 10.71 11.73 -20.98
N PRO D 45 9.42 12.03 -21.15
CA PRO D 45 8.68 12.72 -20.10
C PRO D 45 8.63 11.91 -18.82
N GLY D 46 9.02 12.55 -17.71
CA GLY D 46 8.99 11.91 -16.41
C GLY D 46 10.16 10.99 -16.12
N GLN D 47 11.17 10.96 -16.98
CA GLN D 47 12.29 10.06 -16.79
C GLN D 47 13.60 10.85 -16.70
N SER D 48 14.62 10.17 -16.20
CA SER D 48 15.96 10.71 -16.24
C SER D 48 16.48 10.65 -17.68
N PRO D 49 17.44 11.51 -18.02
CA PRO D 49 18.03 11.43 -19.36
C PRO D 49 18.77 10.10 -19.55
N GLN D 50 18.64 9.53 -20.75
CA GLN D 50 19.30 8.27 -21.10
C GLN D 50 20.45 8.56 -22.04
N LEU D 51 21.67 8.19 -21.63
CA LEU D 51 22.87 8.45 -22.42
C LEU D 51 22.88 7.56 -23.66
N LEU D 52 22.97 8.18 -24.83
CA LEU D 52 22.98 7.50 -26.11
C LEU D 52 24.39 7.37 -26.70
N ILE D 53 25.10 8.48 -26.74
CA ILE D 53 26.42 8.57 -27.37
C ILE D 53 27.35 9.29 -26.41
N TYR D 54 28.57 8.79 -26.30
CA TYR D 54 29.63 9.48 -25.57
C TYR D 54 30.87 9.52 -26.45
N LEU D 55 31.80 10.43 -26.11
CA LEU D 55 32.97 10.70 -26.93
C LEU D 55 32.58 10.96 -28.37
N MET D 56 31.38 11.50 -28.54
CA MET D 56 30.80 12.04 -29.77
C MET D 56 30.43 10.97 -30.79
N SER D 57 31.02 9.76 -30.68
CA SER D 57 30.77 8.75 -31.69
C SER D 57 30.60 7.33 -31.16
N THR D 58 30.78 7.09 -29.86
CA THR D 58 30.72 5.75 -29.29
C THR D 58 29.34 5.51 -28.70
N ARG D 59 28.65 4.49 -29.21
CA ARG D 59 27.33 4.15 -28.69
C ARG D 59 27.46 3.52 -27.31
N ALA D 60 26.62 3.98 -26.37
CA ALA D 60 26.59 3.40 -25.04
C ALA D 60 25.94 2.02 -25.07
N SER D 61 26.21 1.25 -24.03
CA SER D 61 25.76 -0.15 -23.97
C SER D 61 24.25 -0.27 -24.14
N GLY D 62 23.86 -1.05 -25.14
CA GLY D 62 22.47 -1.42 -25.39
C GLY D 62 21.66 -0.50 -26.27
N VAL D 63 22.18 0.64 -26.66
CA VAL D 63 21.40 1.55 -27.51
C VAL D 63 21.35 1.02 -28.93
N SER D 64 20.19 1.20 -29.58
CA SER D 64 19.96 0.74 -30.93
C SER D 64 21.00 1.30 -31.90
N ASP D 65 21.36 0.48 -32.88
CA ASP D 65 22.32 0.89 -33.90
C ASP D 65 21.78 1.94 -34.86
N ARG D 66 20.49 2.29 -34.75
CA ARG D 66 19.92 3.35 -35.57
C ARG D 66 20.45 4.73 -35.20
N PHE D 67 21.12 4.87 -34.06
CA PHE D 67 21.64 6.15 -33.60
C PHE D 67 23.15 6.20 -33.81
N SER D 68 23.61 7.23 -34.51
CA SER D 68 25.04 7.43 -34.68
C SER D 68 25.39 8.89 -34.46
N GLY D 69 26.61 9.13 -34.00
CA GLY D 69 27.09 10.47 -33.74
C GLY D 69 28.33 10.77 -34.57
N SER D 70 28.41 12.00 -35.07
CA SER D 70 29.52 12.45 -35.88
C SER D 70 29.69 13.95 -35.70
N GLY D 71 30.79 14.47 -36.26
CA GLY D 71 31.01 15.90 -36.29
C GLY D 71 32.49 16.24 -36.41
N SER D 72 32.74 17.50 -36.75
CA SER D 72 34.10 18.04 -36.84
C SER D 72 34.33 19.14 -35.79
N GLY D 73 34.62 18.71 -34.56
CA GLY D 73 35.14 19.56 -33.51
C GLY D 73 34.30 20.73 -33.02
N THR D 74 33.38 21.23 -33.85
CA THR D 74 32.50 22.33 -33.44
C THR D 74 31.05 22.20 -33.92
N ASP D 75 30.75 21.32 -34.87
CA ASP D 75 29.41 21.11 -35.39
C ASP D 75 29.18 19.60 -35.34
N PHE D 76 28.09 19.19 -34.70
CA PHE D 76 27.87 17.79 -34.39
C PHE D 76 26.46 17.39 -34.80
N THR D 77 26.32 16.12 -35.17
CA THR D 77 25.04 15.61 -35.63
C THR D 77 24.75 14.27 -34.99
N LEU D 78 23.54 14.14 -34.46
CA LEU D 78 23.01 12.85 -34.05
C LEU D 78 22.08 12.40 -35.16
N GLU D 79 22.33 11.21 -35.69
CA GLU D 79 21.59 10.70 -36.83
C GLU D 79 20.73 9.54 -36.35
N ILE D 80 19.45 9.59 -36.70
CA ILE D 80 18.51 8.51 -36.40
C ILE D 80 18.06 7.91 -37.73
N SER D 81 18.69 6.83 -38.14
CA SER D 81 18.31 6.17 -39.37
C SER D 81 17.04 5.36 -39.10
N ARG D 82 16.02 5.55 -39.96
CA ARG D 82 14.75 4.82 -39.85
C ARG D 82 14.10 5.04 -38.48
N VAL D 83 13.61 6.28 -38.30
CA VAL D 83 13.01 6.69 -37.04
C VAL D 83 11.81 5.81 -36.69
N LYS D 84 11.64 5.56 -35.39
CA LYS D 84 10.51 4.78 -34.89
C LYS D 84 9.79 5.58 -33.80
N ALA D 85 8.56 5.14 -33.49
CA ALA D 85 7.72 5.86 -32.55
C ALA D 85 8.35 5.98 -31.17
N GLU D 86 9.18 5.00 -30.78
CA GLU D 86 9.83 5.04 -29.48
C GLU D 86 10.84 6.17 -29.34
N ASP D 87 11.20 6.83 -30.44
CA ASP D 87 12.24 7.86 -30.41
C ASP D 87 11.71 9.24 -30.01
N VAL D 88 10.41 9.37 -29.76
CA VAL D 88 9.86 10.67 -29.37
C VAL D 88 10.40 11.06 -27.99
N GLY D 89 10.59 12.35 -27.80
CA GLY D 89 11.18 12.86 -26.58
C GLY D 89 11.99 14.10 -26.89
N VAL D 90 12.92 14.42 -25.99
CA VAL D 90 13.75 15.60 -26.12
C VAL D 90 15.21 15.17 -26.13
N TYR D 91 15.94 15.54 -27.18
CA TYR D 91 17.33 15.14 -27.34
C TYR D 91 18.25 16.28 -26.93
N TYR D 92 19.26 15.97 -26.11
CA TYR D 92 20.22 16.94 -25.60
C TYR D 92 21.63 16.52 -26.00
N CYS D 93 22.46 17.50 -26.37
CA CYS D 93 23.90 17.33 -26.48
C CYS D 93 24.58 18.00 -25.30
N GLN D 94 25.82 17.62 -25.05
CA GLN D 94 26.56 18.11 -23.89
C GLN D 94 28.04 18.10 -24.21
N GLN D 95 28.76 19.14 -23.77
CA GLN D 95 30.20 19.20 -23.91
C GLN D 95 30.85 18.89 -22.58
N LEU D 96 31.97 18.16 -22.63
CA LEU D 96 32.67 17.77 -21.42
C LEU D 96 34.17 17.94 -21.56
N VAL D 97 34.60 18.88 -22.42
CA VAL D 97 36.03 19.10 -22.59
C VAL D 97 36.57 20.04 -21.53
N GLN D 98 35.71 20.87 -20.91
CA GLN D 98 36.16 21.78 -19.88
C GLN D 98 35.00 22.01 -18.92
N HIS D 99 35.30 21.88 -17.63
CA HIS D 99 34.29 22.14 -16.63
C HIS D 99 34.07 23.65 -16.51
N PRO D 100 32.83 24.11 -16.32
CA PRO D 100 31.70 23.19 -16.06
C PRO D 100 31.11 22.64 -17.34
N PHE D 101 30.77 21.37 -17.29
CA PHE D 101 30.13 20.71 -18.42
C PHE D 101 28.76 21.34 -18.66
N THR D 102 28.51 21.78 -19.89
CA THR D 102 27.25 22.45 -20.20
C THR D 102 26.45 21.64 -21.19
N PHE D 103 25.13 21.76 -21.08
CA PHE D 103 24.17 21.09 -21.96
C PHE D 103 23.63 22.07 -23.00
N GLY D 104 23.13 21.50 -24.09
CA GLY D 104 22.40 22.27 -25.07
C GLY D 104 20.97 22.50 -24.68
N SER D 105 20.32 23.33 -25.49
CA SER D 105 18.96 23.77 -25.23
C SER D 105 17.90 22.69 -25.49
N GLY D 106 18.28 21.57 -26.05
CA GLY D 106 17.31 20.50 -26.27
C GLY D 106 16.59 20.65 -27.60
N THR D 107 16.27 19.50 -28.19
CA THR D 107 15.62 19.41 -29.50
C THR D 107 14.49 18.41 -29.39
N LYS D 108 13.26 18.89 -29.52
CA LYS D 108 12.07 18.07 -29.33
C LYS D 108 11.72 17.38 -30.64
N LEU D 109 11.46 16.07 -30.58
CA LEU D 109 11.15 15.25 -31.74
C LEU D 109 9.72 14.74 -31.62
N GLU D 110 8.92 15.05 -32.64
CA GLU D 110 7.57 14.52 -32.78
C GLU D 110 7.48 13.73 -34.07
N ILE D 111 6.65 12.70 -34.06
CA ILE D 111 6.51 11.83 -35.21
C ILE D 111 5.12 12.04 -35.81
N LYS D 112 5.02 11.90 -37.13
CA LYS D 112 3.77 12.09 -37.84
C LYS D 112 3.07 10.76 -38.04
N ARG D 113 1.75 10.76 -37.92
CA ARG D 113 0.95 9.57 -38.19
C ARG D 113 -0.45 10.00 -38.62
N ALA D 114 -1.27 9.02 -38.98
CA ALA D 114 -2.62 9.29 -39.46
C ALA D 114 -3.50 9.85 -38.36
N ASP D 115 -4.49 10.65 -38.76
CA ASP D 115 -5.44 11.24 -37.83
C ASP D 115 -6.26 10.18 -37.14
N ALA D 116 -6.59 10.43 -35.87
CA ALA D 116 -7.35 9.49 -35.05
C ALA D 116 -8.31 10.26 -34.16
N ALA D 117 -9.52 9.74 -34.03
CA ALA D 117 -10.53 10.39 -33.21
C ALA D 117 -10.36 9.99 -31.75
N PRO D 118 -10.70 10.89 -30.82
CA PRO D 118 -10.53 10.57 -29.40
C PRO D 118 -11.55 9.56 -28.91
N THR D 119 -11.08 8.62 -28.07
CA THR D 119 -11.95 7.67 -27.38
C THR D 119 -12.41 8.32 -26.07
N VAL D 120 -13.67 8.69 -26.00
CA VAL D 120 -14.21 9.38 -24.83
C VAL D 120 -14.72 8.36 -23.83
N SER D 121 -14.42 8.59 -22.56
CA SER D 121 -14.90 7.73 -21.47
C SER D 121 -15.13 8.63 -20.26
N ILE D 122 -16.37 8.61 -19.75
CA ILE D 122 -16.76 9.44 -18.62
C ILE D 122 -16.98 8.55 -17.41
N PHE D 123 -16.64 9.06 -16.23
CA PHE D 123 -16.78 8.32 -14.99
C PHE D 123 -17.45 9.23 -13.95
N PRO D 124 -18.51 8.76 -13.30
CA PRO D 124 -19.13 9.56 -12.23
C PRO D 124 -18.28 9.57 -10.98
N PRO D 125 -18.57 10.44 -10.02
CA PRO D 125 -17.81 10.43 -8.75
C PRO D 125 -17.90 9.07 -8.07
N SER D 126 -16.82 8.68 -7.42
CA SER D 126 -16.77 7.39 -6.76
C SER D 126 -17.58 7.39 -5.48
N SER D 127 -17.95 6.18 -5.04
CA SER D 127 -18.68 6.05 -3.78
C SER D 127 -17.82 6.50 -2.61
N GLU D 128 -16.53 6.19 -2.66
CA GLU D 128 -15.62 6.63 -1.60
C GLU D 128 -15.56 8.15 -1.53
N GLN D 129 -15.47 8.82 -2.69
CA GLN D 129 -15.41 10.27 -2.70
C GLN D 129 -16.73 10.88 -2.27
N LEU D 130 -17.85 10.34 -2.77
CA LEU D 130 -19.15 10.82 -2.31
C LEU D 130 -19.31 10.57 -0.81
N THR D 131 -18.80 9.43 -0.33
CA THR D 131 -18.80 9.16 1.11
C THR D 131 -17.91 10.14 1.85
N SER D 132 -16.76 10.49 1.26
CA SER D 132 -15.84 11.42 1.88
C SER D 132 -16.33 12.86 1.85
N GLY D 133 -17.21 13.21 0.92
CA GLY D 133 -17.74 14.56 0.83
C GLY D 133 -17.32 15.37 -0.38
N GLY D 134 -16.61 14.75 -1.32
CA GLY D 134 -16.22 15.42 -2.54
C GLY D 134 -16.99 14.91 -3.74
N ALA D 135 -16.88 15.66 -4.84
CA ALA D 135 -17.60 15.29 -6.07
C ALA D 135 -16.79 15.79 -7.27
N SER D 136 -16.00 14.90 -7.85
CA SER D 136 -15.23 15.19 -9.06
C SER D 136 -15.73 14.28 -10.18
N VAL D 137 -16.06 14.87 -11.32
CA VAL D 137 -16.49 14.12 -12.50
C VAL D 137 -15.37 14.17 -13.53
N VAL D 138 -14.93 12.99 -13.99
CA VAL D 138 -13.72 12.85 -14.80
C VAL D 138 -14.12 12.39 -16.20
N CYS D 139 -13.52 13.03 -17.21
CA CYS D 139 -13.70 12.67 -18.61
C CYS D 139 -12.34 12.47 -19.26
N PHE D 140 -12.17 11.36 -19.98
CA PHE D 140 -10.92 11.03 -20.66
C PHE D 140 -11.12 11.07 -22.17
N LEU D 141 -10.28 11.85 -22.85
CA LEU D 141 -10.19 11.88 -24.31
C LEU D 141 -8.85 11.26 -24.67
N ASN D 142 -8.87 10.02 -25.15
CA ASN D 142 -7.66 9.22 -25.26
C ASN D 142 -7.38 8.83 -26.71
N ASN D 143 -6.09 8.85 -27.05
CA ASN D 143 -5.56 8.32 -28.31
C ASN D 143 -6.19 9.01 -29.53
N PHE D 144 -6.01 10.33 -29.57
CA PHE D 144 -6.42 11.15 -30.71
C PHE D 144 -5.20 11.75 -31.40
N TYR D 145 -5.42 12.26 -32.61
CA TYR D 145 -4.39 12.93 -33.38
C TYR D 145 -5.11 13.92 -34.27
N PRO D 146 -4.67 15.20 -34.32
CA PRO D 146 -3.48 15.75 -33.68
C PRO D 146 -3.75 16.34 -32.30
N LYS D 147 -2.76 17.01 -31.72
CA LYS D 147 -2.84 17.47 -30.34
C LYS D 147 -3.93 18.51 -30.14
N ASP D 148 -4.41 19.14 -31.21
CA ASP D 148 -5.44 20.17 -31.13
C ASP D 148 -6.79 19.53 -30.83
N ILE D 149 -7.34 19.78 -29.65
CA ILE D 149 -8.60 19.19 -29.24
C ILE D 149 -9.32 20.14 -28.30
N ASN D 150 -10.64 20.07 -28.31
CA ASN D 150 -11.46 20.85 -27.38
C ASN D 150 -12.43 19.92 -26.65
N VAL D 151 -12.83 20.34 -25.45
CA VAL D 151 -13.74 19.58 -24.61
C VAL D 151 -14.74 20.55 -23.99
N LYS D 152 -16.00 20.12 -23.87
CA LYS D 152 -17.09 20.95 -23.37
C LYS D 152 -17.85 20.24 -22.26
N TRP D 153 -18.18 20.98 -21.20
CA TRP D 153 -18.97 20.46 -20.08
C TRP D 153 -20.30 21.21 -20.00
N LYS D 154 -21.41 20.47 -20.04
CA LYS D 154 -22.72 21.03 -19.79
C LYS D 154 -23.45 20.18 -18.75
N ILE D 155 -24.08 20.85 -17.79
CA ILE D 155 -24.80 20.21 -16.70
C ILE D 155 -26.29 20.53 -16.85
N ASP D 156 -27.09 19.49 -17.10
CA ASP D 156 -28.54 19.61 -17.29
C ASP D 156 -28.90 20.55 -18.45
N GLY D 157 -28.00 20.74 -19.40
CA GLY D 157 -28.26 21.60 -20.53
C GLY D 157 -27.65 22.99 -20.43
N SER D 158 -26.92 23.28 -19.36
CA SER D 158 -26.30 24.58 -19.15
C SER D 158 -24.78 24.43 -19.17
N GLU D 159 -24.12 25.28 -19.94
CA GLU D 159 -22.67 25.23 -20.04
C GLU D 159 -22.03 25.46 -18.67
N ARG D 160 -20.98 24.69 -18.38
CA ARG D 160 -20.25 24.80 -17.13
C ARG D 160 -18.79 25.06 -17.44
N GLN D 161 -18.22 26.09 -16.83
CA GLN D 161 -16.82 26.43 -17.03
C GLN D 161 -16.04 26.68 -15.75
N ASN D 162 -16.71 26.99 -14.64
CA ASN D 162 -16.02 27.21 -13.38
C ASN D 162 -15.85 25.88 -12.66
N GLY D 163 -14.61 25.59 -12.26
CA GLY D 163 -14.30 24.33 -11.63
C GLY D 163 -13.80 23.26 -12.57
N VAL D 164 -13.65 23.57 -13.87
CA VAL D 164 -13.17 22.61 -14.85
C VAL D 164 -11.66 22.78 -14.99
N LEU D 165 -10.95 21.65 -14.96
CA LEU D 165 -9.50 21.63 -15.11
C LEU D 165 -9.12 20.55 -16.12
N ASN D 166 -8.13 20.85 -16.94
CA ASN D 166 -7.73 19.95 -18.02
C ASN D 166 -6.23 19.65 -17.94
N SER D 167 -5.86 18.54 -18.57
CA SER D 167 -4.48 18.08 -18.58
C SER D 167 -4.24 17.30 -19.86
N TRP D 168 -3.08 17.56 -20.48
CA TRP D 168 -2.69 16.89 -21.71
C TRP D 168 -1.40 16.13 -21.50
N THR D 169 -1.26 15.01 -22.19
CA THR D 169 -0.04 14.23 -22.16
C THR D 169 0.86 14.59 -23.33
N ASP D 170 2.13 14.25 -23.19
CA ASP D 170 3.05 14.35 -24.32
C ASP D 170 2.77 13.21 -25.29
N GLN D 171 3.45 13.26 -26.43
CA GLN D 171 3.18 12.26 -27.47
C GLN D 171 3.51 10.86 -26.96
N ASP D 172 2.59 9.93 -27.21
CA ASP D 172 2.78 8.57 -26.74
C ASP D 172 3.87 7.87 -27.52
N SER D 173 4.69 7.10 -26.81
CA SER D 173 5.83 6.39 -27.38
C SER D 173 5.44 5.12 -28.11
N LYS D 174 4.18 4.68 -27.97
CA LYS D 174 3.73 3.42 -28.53
C LYS D 174 2.87 3.57 -29.78
N ASP D 175 1.96 4.55 -29.81
CA ASP D 175 1.09 4.73 -30.96
C ASP D 175 1.11 6.16 -31.50
N SER D 176 2.01 7.02 -31.00
CA SER D 176 2.19 8.38 -31.51
C SER D 176 0.90 9.19 -31.42
N THR D 177 0.11 8.94 -30.37
CA THR D 177 -1.14 9.63 -30.15
C THR D 177 -1.04 10.55 -28.93
N TYR D 178 -2.04 11.41 -28.80
CA TYR D 178 -2.16 12.32 -27.67
C TYR D 178 -3.40 11.94 -26.86
N SER D 179 -3.37 12.32 -25.58
CA SER D 179 -4.48 12.02 -24.68
C SER D 179 -4.70 13.21 -23.75
N MET D 180 -5.95 13.36 -23.30
CA MET D 180 -6.36 14.48 -22.48
C MET D 180 -7.21 13.98 -21.32
N SER D 181 -7.24 14.76 -20.24
CA SER D 181 -8.07 14.49 -19.07
C SER D 181 -8.82 15.75 -18.71
N SER D 182 -10.12 15.61 -18.46
CA SER D 182 -10.97 16.73 -18.06
C SER D 182 -11.71 16.34 -16.79
N THR D 183 -11.55 17.13 -15.74
CA THR D 183 -12.17 16.87 -14.44
C THR D 183 -13.00 18.08 -14.04
N LEU D 184 -14.29 17.85 -13.78
CA LEU D 184 -15.19 18.89 -13.29
C LEU D 184 -15.42 18.68 -11.79
N THR D 185 -15.04 19.68 -10.99
CA THR D 185 -15.14 19.62 -9.55
C THR D 185 -16.20 20.61 -9.06
N LEU D 186 -17.24 20.09 -8.40
CA LEU D 186 -18.29 20.89 -7.76
C LEU D 186 -18.42 20.45 -6.30
N THR D 187 -19.33 21.12 -5.59
CA THR D 187 -19.59 20.74 -4.21
C THR D 187 -20.52 19.53 -4.18
N LYS D 188 -20.36 18.70 -3.15
CA LYS D 188 -21.23 17.54 -2.98
C LYS D 188 -22.68 17.94 -2.76
N ASP D 189 -22.91 19.12 -2.17
CA ASP D 189 -24.29 19.57 -1.97
C ASP D 189 -24.95 19.96 -3.28
N GLU D 190 -24.21 20.66 -4.15
CA GLU D 190 -24.82 21.12 -5.39
C GLU D 190 -24.82 20.02 -6.45
N TYR D 191 -23.89 19.08 -6.38
CA TYR D 191 -23.85 17.97 -7.32
C TYR D 191 -25.12 17.12 -7.22
N GLU D 192 -25.66 16.97 -6.00
CA GLU D 192 -26.82 16.13 -5.78
C GLU D 192 -28.13 16.74 -6.27
N ARG D 193 -28.16 18.04 -6.55
CA ARG D 193 -29.39 18.70 -7.00
C ARG D 193 -29.46 18.82 -8.52
N HIS D 194 -28.63 18.08 -9.24
CA HIS D 194 -28.67 18.07 -10.70
C HIS D 194 -28.48 16.63 -11.18
N ASN D 195 -28.97 16.36 -12.38
CA ASN D 195 -29.06 14.99 -12.88
C ASN D 195 -28.22 14.71 -14.11
N SER D 196 -28.18 15.61 -15.08
CA SER D 196 -27.52 15.35 -16.36
C SER D 196 -26.11 15.96 -16.35
N TYR D 197 -25.12 15.14 -16.74
CA TYR D 197 -23.73 15.57 -16.86
C TYR D 197 -23.19 15.09 -18.20
N THR D 198 -22.62 16.01 -18.97
CA THR D 198 -22.21 15.73 -20.35
C THR D 198 -20.78 16.18 -20.58
N CYS D 199 -19.98 15.32 -21.20
CA CYS D 199 -18.64 15.65 -21.68
C CYS D 199 -18.60 15.47 -23.18
N GLU D 200 -18.16 16.50 -23.90
CA GLU D 200 -18.16 16.51 -25.35
C GLU D 200 -16.75 16.76 -25.88
N ALA D 201 -16.40 16.10 -26.98
CA ALA D 201 -15.10 16.25 -27.62
C ALA D 201 -15.30 16.72 -29.05
N THR D 202 -14.76 17.90 -29.36
CA THR D 202 -14.77 18.43 -30.72
C THR D 202 -13.35 18.32 -31.29
N HIS D 203 -13.22 17.67 -32.44
CA HIS D 203 -11.93 17.38 -33.02
C HIS D 203 -12.03 17.56 -34.53
N LYS D 204 -10.88 17.70 -35.19
CA LYS D 204 -10.89 17.85 -36.63
C LYS D 204 -11.27 16.57 -37.37
N THR D 205 -11.45 15.46 -36.65
CA THR D 205 -11.85 14.21 -37.29
C THR D 205 -13.31 14.22 -37.71
N SER D 206 -14.17 14.91 -36.96
CA SER D 206 -15.61 14.88 -37.18
C SER D 206 -16.15 16.30 -37.24
N THR D 207 -17.27 16.46 -37.96
CA THR D 207 -17.96 17.75 -38.01
C THR D 207 -18.67 18.03 -36.69
N SER D 208 -19.43 17.01 -36.16
CA SER D 208 -20.20 17.09 -34.94
C SER D 208 -19.45 16.46 -33.77
N PRO D 209 -19.68 16.92 -32.55
CA PRO D 209 -18.89 16.45 -31.41
C PRO D 209 -19.17 14.98 -31.08
N ILE D 210 -18.28 14.43 -30.26
CA ILE D 210 -18.46 13.10 -29.69
C ILE D 210 -18.82 13.29 -28.22
N VAL D 211 -19.97 12.76 -27.82
CA VAL D 211 -20.59 13.08 -26.54
C VAL D 211 -20.67 11.83 -25.70
N LYS D 212 -20.27 11.94 -24.44
CA LYS D 212 -20.45 10.90 -23.44
C LYS D 212 -21.10 11.53 -22.22
N SER D 213 -22.25 10.98 -21.82
CA SER D 213 -23.03 11.55 -20.73
C SER D 213 -23.62 10.42 -19.89
N PHE D 214 -24.18 10.80 -18.75
CA PHE D 214 -24.87 9.86 -17.88
C PHE D 214 -25.84 10.63 -16.99
N ASN D 215 -26.95 9.98 -16.63
CA ASN D 215 -27.95 10.55 -15.75
C ASN D 215 -28.09 9.69 -14.49
N ARG D 216 -27.93 10.31 -13.32
CA ARG D 216 -27.99 9.64 -12.03
C ARG D 216 -29.42 9.27 -11.67
N ALA E 1 39.90 8.03 -8.29
CA ALA E 1 38.85 7.96 -9.29
C ALA E 1 39.37 7.65 -10.70
N VAL E 2 38.49 7.02 -11.48
CA VAL E 2 38.79 6.53 -12.81
C VAL E 2 37.57 6.79 -13.69
N GLY E 3 37.80 7.16 -14.94
CA GLY E 3 36.65 7.37 -15.84
C GLY E 3 37.07 7.81 -17.23
N ILE E 4 36.07 7.76 -18.14
CA ILE E 4 36.19 8.24 -19.50
C ILE E 4 34.94 9.07 -19.82
N GLY E 5 35.01 9.80 -20.95
CA GLY E 5 33.91 10.62 -21.42
C GLY E 5 33.90 12.04 -20.92
N ALA E 6 34.75 12.40 -19.97
CA ALA E 6 34.79 13.77 -19.48
C ALA E 6 36.19 14.08 -19.00
N VAL E 7 36.58 15.34 -19.18
CA VAL E 7 37.87 15.84 -18.69
C VAL E 7 37.57 16.44 -17.32
N PHE E 8 37.70 15.62 -16.28
CA PHE E 8 37.44 16.07 -14.92
C PHE E 8 38.59 16.92 -14.43
N ALA F 1 -17.42 -40.56 0.06
CA ALA F 1 -16.54 -39.86 0.98
C ALA F 1 -16.03 -40.82 2.05
N VAL F 2 -14.85 -40.54 2.58
CA VAL F 2 -14.20 -41.40 3.56
C VAL F 2 -13.57 -40.53 4.64
N GLY F 3 -13.60 -41.02 5.86
CA GLY F 3 -13.03 -40.27 6.97
C GLY F 3 -13.24 -40.98 8.29
N ILE F 4 -12.62 -40.40 9.32
CA ILE F 4 -12.80 -40.82 10.70
C ILE F 4 -13.03 -39.57 11.55
N GLY F 5 -13.38 -39.80 12.82
CA GLY F 5 -13.58 -38.73 13.78
C GLY F 5 -14.98 -38.15 13.85
N ALA F 6 -15.86 -38.51 12.93
CA ALA F 6 -17.21 -37.97 12.94
C ALA F 6 -18.15 -38.99 12.34
N VAL F 7 -19.38 -39.01 12.86
CA VAL F 7 -20.43 -39.88 12.34
C VAL F 7 -21.23 -39.05 11.34
N PHE F 8 -20.79 -39.11 10.09
CA PHE F 8 -21.45 -38.37 9.01
C PHE F 8 -22.72 -39.11 8.58
#